data_7W5H
#
_entry.id   7W5H
#
_cell.length_a   54.559
_cell.length_b   98.567
_cell.length_c   72.355
_cell.angle_alpha   90.000
_cell.angle_beta   94.590
_cell.angle_gamma   90.000
#
_symmetry.space_group_name_H-M   'P 1 21 1'
#
loop_
_entity.id
_entity.type
_entity.pdbx_description
1 polymer 'Terpene cyclase 6'
2 non-polymer 'S-[(2E,6E)-3,7,11-TRIMETHYLDODECA-2,6,10-TRIENYL] TRIHYDROGEN THIODIPHOSPHATE'
3 non-polymer 'MALONATE ION'
4 non-polymer GLYCEROL
5 non-polymer 'MAGNESIUM ION'
6 water water
#
_entity_poly.entity_id   1
_entity_poly.type   'polypeptide(L)'
_entity_poly.pdbx_seq_one_letter_code
;GAGAGAGAGAGMGQPTTTSLFMRDVMFHRMTGTSQAVNDVATLSGERREIIRRALNKKILVPNILELMPAWPSEFQPNID
EVNVEIDEWLKTVNVAKEKKLKHRARGNYTLLAGIYYPHCRKEKMLALSQFLYWIFFWDDEIDTGGELTEDREGTILCCA
ETNKCINDCLGPEPNYTPPPGSRGTVEMLYPILRDLRAGLSPVSTMRLKQELHDYVNGVKNQQKVRQEDHLPNPWDHFQM
RVDDVGVIPSITQNEYAMDFTLPDWIRRHEAMEEIVLQCTKLTILLNEILSLQKEFRVSQLENLCLLFMNTYDMSIEQSI
HKVLGLLKDHYKICIEAEARLPWSTTDEKLNNNIREYIRGCQRLATGTACWSYNCERYFKLSQLNDQQELLLDLSRT
;
_entity_poly.pdbx_strand_id   A,B
#
# COMPACT_ATOMS: atom_id res chain seq x y z
N THR A 42 19.87 -36.18 15.02
CA THR A 42 18.56 -35.75 15.47
C THR A 42 18.57 -34.28 15.94
N LEU A 43 17.36 -33.73 16.11
CA LEU A 43 17.21 -32.37 16.64
C LEU A 43 17.84 -32.23 18.02
N SER A 44 17.47 -33.13 18.94
CA SER A 44 17.95 -33.03 20.31
C SER A 44 19.47 -33.08 20.35
N GLY A 45 20.08 -34.00 19.60
CA GLY A 45 21.53 -34.08 19.55
C GLY A 45 22.16 -32.77 19.13
N GLU A 46 21.68 -32.20 18.03
CA GLU A 46 22.22 -30.93 17.54
C GLU A 46 22.03 -29.82 18.56
N ARG A 47 20.82 -29.75 19.14
CA ARG A 47 20.55 -28.74 20.16
C ARG A 47 21.35 -29.02 21.42
N ARG A 48 21.56 -30.31 21.74
CA ARG A 48 22.35 -30.71 22.90
C ARG A 48 23.76 -30.12 22.83
N GLU A 49 24.43 -30.32 21.69
CA GLU A 49 25.83 -29.90 21.59
C GLU A 49 25.98 -28.38 21.63
N ILE A 50 25.03 -27.64 21.06
CA ILE A 50 25.10 -26.18 21.11
C ILE A 50 25.02 -25.68 22.56
N ILE A 51 24.04 -26.19 23.31
CA ILE A 51 23.91 -25.82 24.72
C ILE A 51 25.22 -26.09 25.44
N ARG A 52 25.77 -27.29 25.25
CA ARG A 52 27.05 -27.63 25.86
C ARG A 52 28.16 -26.68 25.43
N ARG A 53 28.21 -26.34 24.13
CA ARG A 53 29.35 -25.59 23.62
C ARG A 53 29.30 -24.12 24.02
N ALA A 54 28.11 -23.55 24.19
CA ALA A 54 27.99 -22.14 24.55
C ALA A 54 27.75 -21.89 26.03
N LEU A 55 27.35 -22.92 26.79
CA LEU A 55 27.00 -22.74 28.20
C LEU A 55 28.15 -22.14 28.99
N ASN A 56 27.82 -21.13 29.80
CA ASN A 56 28.71 -20.43 30.72
C ASN A 56 29.77 -19.60 30.03
N LYS A 57 29.73 -19.48 28.69
CA LYS A 57 30.69 -18.66 27.98
C LYS A 57 30.44 -17.18 28.24
N LYS A 58 31.50 -16.43 28.50
CA LYS A 58 31.47 -14.97 28.61
C LYS A 58 32.15 -14.39 27.38
N ILE A 59 31.45 -13.51 26.66
CA ILE A 59 31.99 -12.90 25.44
C ILE A 59 31.81 -11.40 25.53
N LEU A 60 32.92 -10.67 25.51
CA LEU A 60 32.90 -9.22 25.51
C LEU A 60 32.59 -8.72 24.10
N VAL A 61 31.59 -7.87 24.01
CA VAL A 61 31.08 -7.36 22.72
C VAL A 61 31.41 -5.88 22.63
N PRO A 62 32.00 -5.42 21.53
CA PRO A 62 32.28 -3.99 21.39
C PRO A 62 31.00 -3.17 21.23
N ASN A 63 31.13 -1.86 21.44
CA ASN A 63 30.01 -0.93 21.34
C ASN A 63 29.55 -0.87 19.89
N ILE A 64 28.40 -1.49 19.61
CA ILE A 64 27.88 -1.65 18.24
C ILE A 64 27.62 -0.31 17.57
N LEU A 65 27.22 0.71 18.33
CA LEU A 65 27.01 2.02 17.72
C LEU A 65 28.26 2.54 17.04
N GLU A 66 29.45 2.11 17.48
CA GLU A 66 30.69 2.54 16.85
C GLU A 66 30.82 2.01 15.44
N LEU A 67 30.14 0.91 15.13
CA LEU A 67 30.18 0.34 13.78
C LEU A 67 29.32 1.12 12.81
N MET A 68 28.54 2.08 13.31
CA MET A 68 27.71 2.95 12.47
C MET A 68 28.03 4.40 12.81
N PRO A 69 29.29 4.81 12.60
CA PRO A 69 29.74 6.10 13.15
C PRO A 69 29.04 7.32 12.58
N ALA A 70 28.55 7.27 11.35
CA ALA A 70 27.97 8.47 10.77
C ALA A 70 26.56 8.73 11.30
N TRP A 71 25.98 7.78 12.02
CA TRP A 71 24.57 7.83 12.39
C TRP A 71 24.48 8.07 13.88
N PRO A 72 24.05 9.25 14.31
CA PRO A 72 24.01 9.55 15.74
C PRO A 72 22.73 9.06 16.41
N SER A 73 22.82 8.92 17.72
CA SER A 73 21.70 8.52 18.57
C SER A 73 21.24 9.75 19.32
N GLU A 74 19.95 10.04 19.26
CA GLU A 74 19.37 11.15 20.00
C GLU A 74 18.16 10.69 20.79
N PHE A 75 17.72 11.52 21.72
CA PHE A 75 16.58 11.21 22.56
C PHE A 75 15.53 12.29 22.40
N GLN A 76 14.31 11.87 22.13
CA GLN A 76 13.21 12.81 22.09
C GLN A 76 13.07 13.50 23.45
N PRO A 77 12.85 14.82 23.49
CA PRO A 77 13.00 15.55 24.75
C PRO A 77 11.85 15.37 25.73
N ASN A 78 10.74 14.72 25.35
CA ASN A 78 9.59 14.61 26.25
C ASN A 78 9.30 13.19 26.72
N ILE A 79 10.29 12.29 26.66
CA ILE A 79 10.09 10.88 27.03
C ILE A 79 9.45 10.75 28.41
N ASP A 80 10.01 11.44 29.41
CA ASP A 80 9.52 11.34 30.78
C ASP A 80 8.04 11.74 30.86
N GLU A 81 7.70 12.88 30.26
CA GLU A 81 6.33 13.36 30.30
C GLU A 81 5.39 12.39 29.59
N VAL A 82 5.82 11.85 28.44
CA VAL A 82 4.99 10.89 27.72
C VAL A 82 4.82 9.61 28.52
N ASN A 83 5.84 9.24 29.30
CA ASN A 83 5.76 8.01 30.06
C ASN A 83 4.70 8.09 31.15
N VAL A 84 4.53 9.28 31.75
CA VAL A 84 3.41 9.49 32.67
C VAL A 84 2.10 9.16 31.98
N GLU A 85 1.91 9.68 30.77
CA GLU A 85 0.70 9.38 30.01
C GLU A 85 0.58 7.89 29.69
N ILE A 86 1.70 7.26 29.33
CA ILE A 86 1.72 5.83 29.00
C ILE A 86 1.35 4.99 30.21
N ASP A 87 1.86 5.38 31.40
CA ASP A 87 1.53 4.63 32.61
C ASP A 87 0.04 4.67 32.90
N GLU A 88 -0.54 5.87 32.84
CA GLU A 88 -1.99 5.98 33.02
C GLU A 88 -2.72 5.17 31.94
N TRP A 89 -2.30 5.28 30.68
CA TRP A 89 -2.93 4.51 29.61
C TRP A 89 -2.76 3.01 29.82
N LEU A 90 -1.61 2.57 30.35
CA LEU A 90 -1.42 1.13 30.55
C LEU A 90 -2.41 0.52 31.52
N LYS A 91 -2.93 1.31 32.46
CA LYS A 91 -3.90 0.81 33.42
C LYS A 91 -5.11 0.21 32.74
N THR A 92 -5.49 0.72 31.57
CA THR A 92 -6.69 0.29 30.85
C THR A 92 -6.42 -0.79 29.82
N VAL A 93 -5.17 -1.14 29.56
CA VAL A 93 -4.87 -2.20 28.60
C VAL A 93 -5.17 -3.54 29.25
N ASN A 94 -5.89 -4.39 28.53
CA ASN A 94 -6.32 -5.71 29.03
CA ASN A 94 -6.27 -5.68 29.05
C ASN A 94 -5.17 -6.73 28.88
N VAL A 95 -4.07 -6.40 29.56
CA VAL A 95 -2.96 -7.33 29.76
C VAL A 95 -2.75 -7.39 31.27
N ALA A 96 -2.17 -8.50 31.73
CA ALA A 96 -1.96 -8.69 33.18
C ALA A 96 -1.05 -7.60 33.74
N LYS A 97 -1.47 -7.04 34.87
CA LYS A 97 -0.71 -5.99 35.55
C LYS A 97 0.77 -6.33 35.64
N GLU A 98 1.08 -7.53 36.16
CA GLU A 98 2.47 -7.93 36.33
C GLU A 98 3.20 -8.00 35.00
N LYS A 99 2.50 -8.41 33.93
CA LYS A 99 3.12 -8.46 32.61
C LYS A 99 3.37 -7.07 32.03
N LYS A 100 2.37 -6.17 32.12
CA LYS A 100 2.55 -4.80 31.64
C LYS A 100 3.68 -4.10 32.40
N LEU A 101 3.80 -4.36 33.70
CA LEU A 101 4.86 -3.71 34.44
C LEU A 101 6.21 -4.32 34.10
N LYS A 102 6.26 -5.63 33.82
CA LYS A 102 7.54 -6.21 33.42
C LYS A 102 7.99 -5.60 32.10
N HIS A 103 7.04 -5.35 31.18
CA HIS A 103 7.39 -4.75 29.90
C HIS A 103 7.81 -3.28 30.07
N ARG A 104 7.07 -2.54 30.88
CA ARG A 104 7.38 -1.13 31.15
C ARG A 104 8.71 -0.99 31.87
N ALA A 105 8.98 -1.87 32.82
CA ALA A 105 10.19 -1.75 33.64
C ALA A 105 11.43 -2.15 32.83
N ARG A 106 11.35 -3.27 32.09
CA ARG A 106 12.52 -3.85 31.45
C ARG A 106 12.70 -3.36 30.02
N GLY A 107 11.61 -3.04 29.34
CA GLY A 107 11.66 -2.65 27.94
C GLY A 107 11.43 -1.17 27.74
N ASN A 108 10.51 -0.57 28.49
CA ASN A 108 10.40 0.88 28.57
C ASN A 108 10.29 1.49 27.18
N TYR A 109 9.32 1.00 26.41
CA TYR A 109 9.29 1.26 24.97
C TYR A 109 9.06 2.72 24.63
N THR A 110 8.54 3.52 25.56
CA THR A 110 8.52 4.96 25.33
C THR A 110 9.92 5.47 25.00
N LEU A 111 10.93 4.92 25.69
CA LEU A 111 12.29 5.33 25.41
C LEU A 111 12.70 4.91 24.01
N LEU A 112 12.27 3.72 23.58
CA LEU A 112 12.59 3.28 22.22
C LEU A 112 11.98 4.21 21.18
N ALA A 113 10.69 4.54 21.36
CA ALA A 113 10.05 5.55 20.52
C ALA A 113 10.81 6.87 20.56
N GLY A 114 11.39 7.22 21.71
CA GLY A 114 12.08 8.50 21.83
C GLY A 114 13.39 8.53 21.08
N ILE A 115 14.02 7.37 20.92
CA ILE A 115 15.25 7.26 20.15
C ILE A 115 14.97 7.05 18.64
N TYR A 116 13.93 6.28 18.29
CA TYR A 116 13.52 6.15 16.89
C TYR A 116 13.10 7.49 16.32
N TYR A 117 12.42 8.29 17.12
CA TYR A 117 11.80 9.53 16.66
C TYR A 117 12.24 10.69 17.54
N PRO A 118 13.55 10.95 17.60
CA PRO A 118 14.06 11.97 18.55
C PRO A 118 13.65 13.38 18.22
N HIS A 119 13.19 13.67 17.00
CA HIS A 119 12.85 15.04 16.64
C HIS A 119 11.37 15.24 16.39
N CYS A 120 10.51 14.29 16.74
CA CYS A 120 9.10 14.52 16.53
C CYS A 120 8.57 15.47 17.60
N ARG A 121 7.43 16.08 17.31
CA ARG A 121 6.75 16.88 18.32
C ARG A 121 6.12 15.97 19.37
N LYS A 122 5.91 16.53 20.56
CA LYS A 122 5.44 15.75 21.71
C LYS A 122 4.14 15.01 21.42
N GLU A 123 3.19 15.66 20.75
CA GLU A 123 1.87 15.09 20.52
C GLU A 123 1.91 13.80 19.69
N LYS A 124 2.99 13.55 18.96
CA LYS A 124 3.11 12.31 18.19
C LYS A 124 3.59 11.16 19.06
N MET A 125 4.24 11.46 20.18
CA MET A 125 4.96 10.45 20.93
C MET A 125 4.04 9.42 21.57
N LEU A 126 2.84 9.84 22.00
CA LEU A 126 1.91 8.90 22.64
C LEU A 126 1.59 7.73 21.72
N ALA A 127 1.12 8.01 20.50
CA ALA A 127 0.68 6.92 19.63
C ALA A 127 1.87 6.05 19.21
N LEU A 128 3.04 6.66 19.02
CA LEU A 128 4.22 5.86 18.69
C LEU A 128 4.59 4.92 19.83
N SER A 129 4.56 5.44 21.05
CA SER A 129 4.89 4.59 22.19
C SER A 129 3.85 3.51 22.38
N GLN A 130 2.56 3.87 22.26
CA GLN A 130 1.52 2.86 22.44
C GLN A 130 1.69 1.71 21.48
N PHE A 131 1.92 2.02 20.19
CA PHE A 131 2.12 0.98 19.19
C PHE A 131 3.24 0.02 19.60
N LEU A 132 4.33 0.55 20.17
CA LEU A 132 5.43 -0.33 20.55
C LEU A 132 5.03 -1.22 21.73
N TYR A 133 4.21 -0.71 22.64
CA TYR A 133 3.69 -1.58 23.70
C TYR A 133 2.75 -2.64 23.13
N TRP A 134 2.00 -2.28 22.08
CA TRP A 134 1.15 -3.27 21.42
C TRP A 134 1.98 -4.41 20.89
N ILE A 135 2.99 -4.10 20.08
CA ILE A 135 3.68 -5.15 19.33
C ILE A 135 4.45 -6.05 20.28
N PHE A 136 4.97 -5.50 21.37
CA PHE A 136 5.70 -6.34 22.31
C PHE A 136 4.75 -7.15 23.20
N PHE A 137 3.60 -6.59 23.58
CA PHE A 137 2.55 -7.36 24.26
C PHE A 137 2.00 -8.44 23.34
N TRP A 138 1.67 -8.06 22.10
CA TRP A 138 1.15 -9.02 21.13
C TRP A 138 2.13 -10.18 20.96
N ASP A 139 3.40 -9.85 20.72
CA ASP A 139 4.39 -10.89 20.47
C ASP A 139 4.52 -11.80 21.68
N ASP A 140 4.41 -11.23 22.87
CA ASP A 140 4.58 -11.97 24.11
C ASP A 140 3.46 -12.99 24.29
N GLU A 141 2.20 -12.57 24.17
CA GLU A 141 1.08 -13.48 24.37
C GLU A 141 1.06 -14.63 23.36
N ILE A 142 1.53 -14.39 22.13
CA ILE A 142 1.46 -15.38 21.06
C ILE A 142 2.78 -16.13 20.86
N ASP A 143 3.77 -15.90 21.72
CA ASP A 143 5.13 -16.44 21.50
C ASP A 143 5.19 -17.98 21.49
N ASP A 151 0.66 -23.48 20.95
CA ASP A 151 -0.67 -23.90 20.55
C ASP A 151 -1.04 -23.30 19.17
N ARG A 152 -1.21 -24.18 18.18
CA ARG A 152 -1.41 -23.74 16.81
C ARG A 152 -2.73 -22.98 16.66
N GLU A 153 -3.81 -23.49 17.26
CA GLU A 153 -5.12 -22.90 17.01
C GLU A 153 -5.23 -21.51 17.64
N GLY A 154 -4.69 -21.34 18.85
CA GLY A 154 -4.66 -20.01 19.44
C GLY A 154 -3.94 -18.99 18.59
N THR A 155 -2.80 -19.38 18.01
CA THR A 155 -2.04 -18.48 17.14
C THR A 155 -2.82 -18.15 15.87
N ILE A 156 -3.50 -19.14 15.30
CA ILE A 156 -4.29 -18.94 14.08
C ILE A 156 -5.47 -18.01 14.37
N LEU A 157 -6.14 -18.21 15.51
CA LEU A 157 -7.30 -17.37 15.83
C LEU A 157 -6.86 -15.92 16.03
N CYS A 158 -5.81 -15.71 16.81
CA CYS A 158 -5.36 -14.36 17.13
C CYS A 158 -4.84 -13.64 15.87
N CYS A 159 -4.01 -14.32 15.06
CA CYS A 159 -3.55 -13.69 13.82
C CYS A 159 -4.72 -13.28 12.92
N ALA A 160 -5.76 -14.11 12.82
CA ALA A 160 -6.89 -13.73 11.97
C ALA A 160 -7.65 -12.56 12.57
N GLU A 161 -7.84 -12.56 13.89
CA GLU A 161 -8.48 -11.43 14.55
C GLU A 161 -7.60 -10.18 14.45
N THR A 162 -6.28 -10.36 14.40
CA THR A 162 -5.40 -9.20 14.26
C THR A 162 -5.41 -8.66 12.83
N ASN A 163 -5.36 -9.56 11.84
CA ASN A 163 -5.46 -9.12 10.44
C ASN A 163 -6.78 -8.43 10.20
N LYS A 164 -7.85 -8.94 10.81
CA LYS A 164 -9.16 -8.29 10.74
C LYS A 164 -9.06 -6.87 11.28
N CYS A 165 -8.54 -6.74 12.50
CA CYS A 165 -8.32 -5.42 13.09
C CYS A 165 -7.52 -4.50 12.15
N ILE A 166 -6.42 -5.00 11.57
CA ILE A 166 -5.59 -4.18 10.67
C ILE A 166 -6.40 -3.71 9.46
N ASN A 167 -7.14 -4.64 8.84
CA ASN A 167 -8.04 -4.27 7.74
C ASN A 167 -9.12 -3.31 8.21
N ASP A 168 -9.70 -3.57 9.39
CA ASP A 168 -10.80 -2.75 9.88
C ASP A 168 -10.36 -1.30 9.98
N CYS A 169 -9.13 -1.09 10.45
CA CYS A 169 -8.65 0.21 10.89
C CYS A 169 -7.95 0.96 9.77
N LEU A 170 -7.27 0.25 8.89
CA LEU A 170 -6.41 0.87 7.89
C LEU A 170 -6.91 0.66 6.46
N GLY A 171 -7.98 -0.10 6.29
CA GLY A 171 -8.51 -0.41 4.99
C GLY A 171 -9.52 0.61 4.49
N PRO A 172 -10.16 0.28 3.36
CA PRO A 172 -11.01 1.27 2.65
C PRO A 172 -12.35 1.57 3.29
N GLU A 173 -12.78 0.88 4.35
CA GLU A 173 -14.03 1.21 5.06
C GLU A 173 -13.73 1.20 6.55
N PRO A 174 -13.16 2.28 7.08
CA PRO A 174 -12.54 2.19 8.41
C PRO A 174 -13.57 1.96 9.49
N ASN A 175 -13.30 0.98 10.32
CA ASN A 175 -14.15 0.65 11.46
C ASN A 175 -13.21 0.51 12.65
N TYR A 176 -13.28 1.46 13.58
CA TYR A 176 -12.37 1.49 14.72
C TYR A 176 -12.94 0.85 15.97
N THR A 177 -14.11 0.25 15.87
CA THR A 177 -14.69 -0.38 17.06
C THR A 177 -14.23 -1.84 17.14
N PRO A 178 -13.64 -2.28 18.25
CA PRO A 178 -13.26 -3.68 18.37
C PRO A 178 -14.49 -4.55 18.51
N PRO A 179 -14.49 -5.75 17.95
CA PRO A 179 -15.61 -6.67 18.18
C PRO A 179 -15.73 -7.02 19.64
N PRO A 180 -16.94 -7.31 20.12
CA PRO A 180 -17.11 -7.68 21.54
C PRO A 180 -16.19 -8.80 21.99
N GLY A 181 -15.88 -9.76 21.12
CA GLY A 181 -15.04 -10.86 21.56
C GLY A 181 -13.66 -10.46 22.06
N SER A 182 -13.13 -9.33 21.58
CA SER A 182 -11.69 -9.17 21.30
C SER A 182 -10.79 -9.41 22.50
N ARG A 183 -9.71 -10.16 22.27
CA ARG A 183 -8.71 -10.31 23.30
C ARG A 183 -7.91 -9.02 23.46
N GLY A 184 -7.21 -8.93 24.60
CA GLY A 184 -6.63 -7.68 25.03
C GLY A 184 -5.65 -7.11 24.04
N THR A 185 -4.76 -7.95 23.49
CA THR A 185 -3.77 -7.43 22.57
C THR A 185 -4.36 -7.11 21.20
N VAL A 186 -5.61 -7.53 20.92
CA VAL A 186 -6.30 -7.06 19.71
C VAL A 186 -7.15 -5.84 20.01
N GLU A 187 -7.85 -5.84 21.14
CA GLU A 187 -8.70 -4.71 21.48
C GLU A 187 -7.90 -3.41 21.57
N MET A 188 -6.67 -3.48 22.08
CA MET A 188 -5.87 -2.26 22.24
C MET A 188 -5.37 -1.74 20.90
N LEU A 189 -5.35 -2.59 19.87
CA LEU A 189 -4.79 -2.20 18.58
C LEU A 189 -5.71 -1.27 17.80
N TYR A 190 -7.03 -1.40 17.99
CA TYR A 190 -7.95 -0.52 17.27
C TYR A 190 -7.70 0.97 17.55
N PRO A 191 -7.67 1.45 18.79
CA PRO A 191 -7.41 2.89 19.00
C PRO A 191 -6.00 3.31 18.59
N ILE A 192 -5.02 2.40 18.62
CA ILE A 192 -3.67 2.74 18.21
C ILE A 192 -3.61 2.95 16.71
N LEU A 193 -4.17 2.01 15.94
CA LEU A 193 -4.19 2.16 14.49
C LEU A 193 -5.01 3.37 14.07
N ARG A 194 -6.13 3.62 14.76
CA ARG A 194 -6.91 4.81 14.44
C ARG A 194 -6.09 6.08 14.61
N ASP A 195 -5.34 6.17 15.72
CA ASP A 195 -4.57 7.37 16.00
C ASP A 195 -3.44 7.56 15.02
N LEU A 196 -2.72 6.48 14.70
CA LEU A 196 -1.69 6.54 13.65
C LEU A 196 -2.26 6.99 12.30
N ARG A 197 -3.35 6.36 11.86
CA ARG A 197 -3.94 6.72 10.58
C ARG A 197 -4.35 8.19 10.53
N ALA A 198 -4.76 8.75 11.68
CA ALA A 198 -5.14 10.16 11.72
C ALA A 198 -3.97 11.08 11.35
N GLY A 199 -2.74 10.64 11.59
CA GLY A 199 -1.56 11.42 11.25
C GLY A 199 -0.83 10.96 9.99
N LEU A 200 -1.47 10.14 9.15
CA LEU A 200 -0.83 9.57 7.98
C LEU A 200 -1.65 9.88 6.74
N SER A 201 -0.96 10.02 5.63
CA SER A 201 -1.64 10.08 4.35
C SER A 201 -2.07 8.66 3.93
N PRO A 202 -3.10 8.55 3.08
CA PRO A 202 -3.49 7.21 2.62
C PRO A 202 -2.35 6.45 1.95
N VAL A 203 -1.34 7.13 1.41
CA VAL A 203 -0.21 6.41 0.82
C VAL A 203 0.57 5.69 1.92
N SER A 204 0.84 6.40 3.02
CA SER A 204 1.56 5.81 4.14
C SER A 204 0.71 4.78 4.87
N THR A 205 -0.59 5.06 5.00
CA THR A 205 -1.51 4.09 5.58
C THR A 205 -1.47 2.75 4.85
N MET A 206 -1.47 2.77 3.50
CA MET A 206 -1.42 1.52 2.74
C MET A 206 -0.14 0.75 3.01
N ARG A 207 0.97 1.47 3.11
CA ARG A 207 2.21 0.79 3.43
C ARG A 207 2.17 0.19 4.83
N LEU A 208 1.62 0.94 5.80
CA LEU A 208 1.56 0.41 7.16
C LEU A 208 0.65 -0.81 7.25
N LYS A 209 -0.45 -0.78 6.49
CA LYS A 209 -1.38 -1.91 6.45
C LYS A 209 -0.66 -3.18 6.00
N GLN A 210 0.01 -3.10 4.86
CA GLN A 210 0.72 -4.23 4.28
C GLN A 210 1.86 -4.70 5.15
N GLU A 211 2.55 -3.74 5.80
CA GLU A 211 3.67 -4.10 6.66
C GLU A 211 3.19 -4.80 7.91
N LEU A 212 2.06 -4.36 8.48
CA LEU A 212 1.49 -5.06 9.63
C LEU A 212 0.95 -6.44 9.24
N HIS A 213 0.30 -6.56 8.08
CA HIS A 213 -0.12 -7.89 7.62
C HIS A 213 1.08 -8.80 7.44
N ASP A 214 2.17 -8.29 6.85
CA ASP A 214 3.39 -9.08 6.68
C ASP A 214 3.90 -9.59 8.02
N TYR A 215 3.94 -8.71 9.02
CA TYR A 215 4.44 -9.12 10.33
C TYR A 215 3.51 -10.16 10.96
N VAL A 216 2.21 -9.90 10.96
CA VAL A 216 1.26 -10.85 11.55
C VAL A 216 1.38 -12.21 10.87
N ASN A 217 1.34 -12.22 9.54
CA ASN A 217 1.34 -13.49 8.82
C ASN A 217 2.71 -14.18 8.88
N GLY A 218 3.79 -13.41 9.05
CA GLY A 218 5.08 -14.04 9.30
C GLY A 218 5.09 -14.80 10.61
N VAL A 219 4.38 -14.29 11.62
CA VAL A 219 4.35 -14.98 12.91
C VAL A 219 3.52 -16.25 12.81
N LYS A 220 2.34 -16.16 12.20
CA LYS A 220 1.51 -17.34 12.00
C LYS A 220 2.24 -18.39 11.16
N ASN A 221 2.89 -17.95 10.09
CA ASN A 221 3.50 -18.87 9.12
C ASN A 221 4.74 -19.56 9.67
N GLN A 222 5.38 -19.00 10.69
CA GLN A 222 6.60 -19.61 11.22
C GLN A 222 6.30 -20.87 12.03
N GLN A 223 5.06 -21.08 12.43
CA GLN A 223 4.65 -22.35 13.05
C GLN A 223 4.23 -23.35 11.98
N ASP A 229 14.30 -31.86 12.54
CA ASP A 229 15.37 -32.80 12.87
C ASP A 229 16.74 -32.10 12.84
N HIS A 230 16.75 -30.86 12.35
CA HIS A 230 17.98 -30.06 12.29
C HIS A 230 17.67 -28.65 12.74
N LEU A 231 18.63 -28.04 13.43
CA LEU A 231 18.62 -26.59 13.57
C LEU A 231 18.66 -25.95 12.19
N PRO A 232 17.98 -24.82 11.98
CA PRO A 232 17.92 -24.25 10.63
C PRO A 232 19.25 -23.66 10.19
N ASN A 233 19.46 -23.68 8.89
CA ASN A 233 20.65 -23.07 8.30
C ASN A 233 20.69 -21.59 8.65
N PRO A 234 21.88 -21.02 8.88
CA PRO A 234 21.95 -19.61 9.28
C PRO A 234 21.36 -18.65 8.26
N TRP A 235 21.73 -18.78 6.98
CA TRP A 235 21.17 -17.89 5.96
C TRP A 235 19.66 -18.00 5.92
N ASP A 236 19.14 -19.22 6.01
CA ASP A 236 17.69 -19.42 6.00
C ASP A 236 17.05 -18.66 7.16
N HIS A 237 17.62 -18.77 8.35
CA HIS A 237 17.10 -18.03 9.49
C HIS A 237 17.19 -16.53 9.25
N PHE A 238 18.37 -16.05 8.86
CA PHE A 238 18.55 -14.61 8.63
C PHE A 238 17.58 -14.08 7.61
N GLN A 239 17.47 -14.75 6.45
CA GLN A 239 16.51 -14.31 5.44
C GLN A 239 15.08 -14.37 5.95
N MET A 240 14.75 -15.36 6.80
CA MET A 240 13.41 -15.39 7.36
C MET A 240 13.14 -14.15 8.21
N ARG A 241 14.12 -13.78 9.05
CA ARG A 241 13.94 -12.57 9.85
C ARG A 241 13.88 -11.32 8.99
N VAL A 242 14.63 -11.25 7.89
CA VAL A 242 14.52 -10.10 6.99
C VAL A 242 13.08 -9.94 6.51
N ASP A 243 12.46 -11.03 6.05
CA ASP A 243 11.09 -10.97 5.54
C ASP A 243 10.10 -10.70 6.66
N ASP A 244 10.25 -11.38 7.80
CA ASP A 244 9.20 -11.41 8.81
C ASP A 244 9.37 -10.40 9.93
N VAL A 245 10.58 -9.86 10.16
CA VAL A 245 10.77 -9.04 11.35
C VAL A 245 9.90 -7.79 11.26
N GLY A 246 9.49 -7.29 12.41
CA GLY A 246 8.47 -6.25 12.44
C GLY A 246 9.01 -4.85 12.59
N VAL A 247 10.12 -4.57 11.90
CA VAL A 247 10.76 -3.25 11.99
C VAL A 247 10.19 -2.26 10.97
N ILE A 248 9.65 -2.76 9.86
CA ILE A 248 9.24 -1.88 8.77
C ILE A 248 8.06 -0.97 9.18
N PRO A 249 7.08 -1.44 9.98
CA PRO A 249 6.07 -0.48 10.45
C PRO A 249 6.67 0.67 11.24
N SER A 250 7.84 0.50 11.85
CA SER A 250 8.47 1.60 12.56
C SER A 250 9.08 2.62 11.60
N ILE A 251 9.65 2.15 10.48
CA ILE A 251 10.14 3.08 9.45
C ILE A 251 8.99 3.94 8.92
N THR A 252 7.85 3.30 8.63
CA THR A 252 6.66 4.00 8.16
C THR A 252 6.14 4.97 9.22
N GLN A 253 6.27 4.60 10.51
CA GLN A 253 5.78 5.49 11.55
C GLN A 253 6.63 6.75 11.70
N ASN A 254 7.84 6.78 11.14
CA ASN A 254 8.51 8.07 11.03
C ASN A 254 7.68 9.07 10.24
N GLU A 255 6.85 8.60 9.29
CA GLU A 255 6.02 9.52 8.52
C GLU A 255 4.90 10.09 9.37
N TYR A 256 4.38 9.30 10.31
CA TYR A 256 3.51 9.83 11.35
C TYR A 256 4.28 10.76 12.28
N ALA A 257 5.44 10.31 12.75
CA ALA A 257 6.19 11.06 13.76
C ALA A 257 6.57 12.45 13.26
N MET A 258 6.96 12.54 11.99
CA MET A 258 7.47 13.78 11.42
C MET A 258 6.48 14.46 10.48
N ASP A 259 5.28 13.88 10.31
CA ASP A 259 4.18 14.51 9.57
C ASP A 259 4.59 14.81 8.11
N PHE A 260 5.06 13.77 7.43
CA PHE A 260 5.37 13.85 6.00
C PHE A 260 5.02 12.54 5.32
N THR A 261 4.89 12.59 4.00
CA THR A 261 4.72 11.40 3.17
C THR A 261 5.85 11.32 2.16
N LEU A 262 6.59 10.23 2.21
CA LEU A 262 7.50 9.92 1.13
C LEU A 262 6.68 9.50 -0.09
N PRO A 263 6.93 10.06 -1.28
CA PRO A 263 6.18 9.61 -2.47
C PRO A 263 6.51 8.16 -2.76
N ASP A 264 5.53 7.42 -3.32
CA ASP A 264 5.77 6.02 -3.63
C ASP A 264 6.85 5.85 -4.70
N TRP A 265 6.91 6.76 -5.68
CA TRP A 265 7.94 6.62 -6.70
C TRP A 265 9.34 6.71 -6.11
N ILE A 266 9.50 7.42 -4.99
CA ILE A 266 10.79 7.43 -4.32
C ILE A 266 10.95 6.21 -3.42
N ARG A 267 9.89 5.80 -2.72
CA ARG A 267 9.93 4.58 -1.91
C ARG A 267 10.28 3.34 -2.74
N ARG A 268 9.85 3.28 -4.01
CA ARG A 268 10.15 2.14 -4.88
C ARG A 268 11.47 2.26 -5.64
N HIS A 269 12.15 3.41 -5.56
CA HIS A 269 13.46 3.56 -6.18
C HIS A 269 14.45 2.60 -5.52
N GLU A 270 15.32 2.00 -6.35
CA GLU A 270 16.19 0.93 -5.86
C GLU A 270 17.06 1.37 -4.70
N ALA A 271 17.51 2.64 -4.70
CA ALA A 271 18.39 3.10 -3.63
C ALA A 271 17.63 3.26 -2.32
N MET A 272 16.37 3.73 -2.39
CA MET A 272 15.55 3.76 -1.19
C MET A 272 15.20 2.35 -0.74
N GLU A 273 14.81 1.48 -1.68
CA GLU A 273 14.54 0.10 -1.31
C GLU A 273 15.77 -0.54 -0.69
N GLU A 274 16.96 -0.17 -1.16
CA GLU A 274 18.18 -0.77 -0.60
C GLU A 274 18.50 -0.21 0.79
N ILE A 275 18.25 1.08 1.02
CA ILE A 275 18.51 1.65 2.34
C ILE A 275 17.55 1.05 3.38
N VAL A 276 16.27 0.91 3.02
CA VAL A 276 15.31 0.24 3.90
C VAL A 276 15.78 -1.18 4.21
N LEU A 277 16.19 -1.93 3.18
CA LEU A 277 16.63 -3.31 3.38
C LEU A 277 17.88 -3.38 4.24
N GLN A 278 18.90 -2.59 3.91
CA GLN A 278 20.15 -2.62 4.68
C GLN A 278 19.92 -2.29 6.14
N CYS A 279 19.03 -1.33 6.42
CA CYS A 279 18.75 -0.96 7.80
C CYS A 279 17.95 -2.04 8.52
N THR A 280 17.11 -2.75 7.78
CA THR A 280 16.43 -3.92 8.33
C THR A 280 17.42 -5.01 8.68
N LYS A 281 18.35 -5.28 7.76
CA LYS A 281 19.40 -6.27 8.02
C LYS A 281 20.28 -5.86 9.18
N LEU A 282 20.61 -4.56 9.27
CA LEU A 282 21.47 -4.07 10.35
C LEU A 282 20.82 -4.27 11.71
N THR A 283 19.53 -3.88 11.82
CA THR A 283 18.80 -4.04 13.08
C THR A 283 18.75 -5.50 13.50
N ILE A 284 18.48 -6.40 12.55
CA ILE A 284 18.41 -7.83 12.86
C ILE A 284 19.75 -8.33 13.36
N LEU A 285 20.82 -8.02 12.62
CA LEU A 285 22.15 -8.51 12.94
C LEU A 285 22.58 -8.08 14.34
N LEU A 286 22.44 -6.78 14.65
CA LEU A 286 22.86 -6.34 15.96
C LEU A 286 21.97 -6.94 17.04
N ASN A 287 20.71 -7.23 16.71
CA ASN A 287 19.83 -7.87 17.67
C ASN A 287 20.23 -9.33 17.92
N GLU A 288 20.70 -10.02 16.88
CA GLU A 288 21.21 -11.38 17.08
C GLU A 288 22.28 -11.42 18.16
N ILE A 289 23.18 -10.44 18.17
CA ILE A 289 24.21 -10.38 19.20
C ILE A 289 23.62 -9.95 20.54
N LEU A 290 22.81 -8.87 20.52
CA LEU A 290 22.36 -8.28 21.77
C LEU A 290 21.40 -9.18 22.53
N SER A 291 20.62 -9.98 21.82
CA SER A 291 19.60 -10.85 22.43
C SER A 291 20.09 -12.26 22.70
N LEU A 292 21.38 -12.54 22.43
CA LEU A 292 21.86 -13.91 22.51
C LEU A 292 21.77 -14.48 23.93
N GLN A 293 22.16 -13.69 24.93
CA GLN A 293 22.08 -14.14 26.33
C GLN A 293 20.64 -14.46 26.72
N LYS A 294 19.72 -13.51 26.46
CA LYS A 294 18.30 -13.72 26.73
C LYS A 294 17.79 -14.99 26.05
N GLU A 295 18.05 -15.13 24.74
CA GLU A 295 17.51 -16.26 24.01
C GLU A 295 18.16 -17.57 24.47
N PHE A 296 19.47 -17.58 24.70
CA PHE A 296 20.12 -18.81 25.11
C PHE A 296 19.67 -19.26 26.49
N ARG A 297 19.23 -18.31 27.33
CA ARG A 297 18.88 -18.69 28.69
C ARG A 297 17.55 -19.43 28.76
N VAL A 298 16.65 -19.19 27.80
CA VAL A 298 15.41 -19.95 27.71
C VAL A 298 15.56 -20.99 26.60
N SER A 299 16.80 -21.24 26.22
CA SER A 299 17.14 -22.29 25.24
C SER A 299 16.36 -22.12 23.93
N GLN A 300 16.23 -20.87 23.49
CA GLN A 300 15.77 -20.59 22.12
C GLN A 300 17.04 -20.49 21.27
N LEU A 301 17.39 -21.61 20.65
CA LEU A 301 18.68 -21.75 19.97
C LEU A 301 18.63 -21.34 18.50
N GLU A 302 17.50 -20.88 17.99
CA GLU A 302 17.46 -20.33 16.63
C GLU A 302 17.88 -18.86 16.65
N ASN A 303 19.11 -18.66 17.11
CA ASN A 303 19.77 -17.36 17.15
C ASN A 303 20.94 -17.43 16.16
N LEU A 304 21.06 -16.42 15.30
CA LEU A 304 22.02 -16.50 14.19
C LEU A 304 23.38 -16.95 14.67
N CYS A 305 23.84 -16.40 15.80
CA CYS A 305 25.18 -16.72 16.32
C CYS A 305 25.32 -18.22 16.55
N LEU A 306 24.31 -18.82 17.17
CA LEU A 306 24.33 -20.26 17.46
C LEU A 306 24.20 -21.08 16.18
N LEU A 307 23.38 -20.62 15.24
CA LEU A 307 23.26 -21.33 13.98
C LEU A 307 24.58 -21.34 13.21
N PHE A 308 25.38 -20.26 13.32
CA PHE A 308 26.73 -20.26 12.75
C PHE A 308 27.61 -21.26 13.48
N MET A 309 27.45 -21.37 14.80
CA MET A 309 28.16 -22.37 15.60
C MET A 309 27.79 -23.77 15.15
N ASN A 310 26.50 -24.03 14.98
CA ASN A 310 26.07 -25.36 14.58
C ASN A 310 26.52 -25.70 13.17
N THR A 311 26.20 -24.84 12.19
CA THR A 311 26.42 -25.19 10.79
C THR A 311 27.91 -25.28 10.45
N TYR A 312 28.72 -24.36 10.96
CA TYR A 312 30.11 -24.26 10.54
C TYR A 312 31.10 -24.61 11.64
N ASP A 313 30.63 -25.08 12.79
CA ASP A 313 31.49 -25.44 13.92
C ASP A 313 32.40 -24.29 14.34
N MET A 314 31.92 -23.05 14.23
CA MET A 314 32.64 -21.93 14.81
C MET A 314 32.47 -21.92 16.32
N SER A 315 33.46 -21.35 17.01
CA SER A 315 33.28 -21.00 18.41
C SER A 315 32.26 -19.88 18.53
N ILE A 316 31.78 -19.68 19.77
CA ILE A 316 30.81 -18.60 19.98
C ILE A 316 31.50 -17.25 19.78
N GLU A 317 32.80 -17.18 20.05
CA GLU A 317 33.54 -15.94 19.82
C GLU A 317 33.68 -15.65 18.33
N GLN A 318 34.06 -16.65 17.54
CA GLN A 318 34.16 -16.46 16.10
C GLN A 318 32.82 -16.08 15.51
N SER A 319 31.76 -16.78 15.95
CA SER A 319 30.43 -16.54 15.41
C SER A 319 29.98 -15.08 15.64
N ILE A 320 30.18 -14.57 16.85
CA ILE A 320 29.79 -13.19 17.14
C ILE A 320 30.62 -12.23 16.29
N HIS A 321 31.89 -12.57 16.09
CA HIS A 321 32.75 -11.74 15.24
C HIS A 321 32.27 -11.75 13.80
N LYS A 322 31.74 -12.88 13.33
CA LYS A 322 31.18 -12.94 11.99
C LYS A 322 29.98 -12.03 11.83
N VAL A 323 29.07 -12.01 12.81
CA VAL A 323 27.91 -11.10 12.74
C VAL A 323 28.37 -9.64 12.74
N LEU A 324 29.35 -9.32 13.56
CA LEU A 324 29.88 -7.96 13.58
C LEU A 324 30.44 -7.57 12.22
N GLY A 325 31.16 -8.47 11.55
CA GLY A 325 31.58 -8.21 10.19
C GLY A 325 30.43 -7.96 9.25
N LEU A 326 29.37 -8.75 9.36
CA LEU A 326 28.19 -8.56 8.51
C LEU A 326 27.57 -7.18 8.71
N LEU A 327 27.54 -6.70 9.96
CA LEU A 327 27.06 -5.35 10.23
C LEU A 327 27.90 -4.30 9.50
N LYS A 328 29.23 -4.46 9.52
CA LYS A 328 30.08 -3.48 8.87
C LYS A 328 29.85 -3.45 7.36
N ASP A 329 29.75 -4.64 6.74
CA ASP A 329 29.45 -4.71 5.31
C ASP A 329 28.14 -3.99 4.97
N HIS A 330 27.05 -4.31 5.67
CA HIS A 330 25.76 -3.76 5.27
C HIS A 330 25.66 -2.26 5.57
N TYR A 331 26.33 -1.80 6.62
CA TYR A 331 26.37 -0.37 6.88
C TYR A 331 27.06 0.37 5.74
N LYS A 332 28.16 -0.19 5.23
CA LYS A 332 28.88 0.46 4.14
C LYS A 332 28.03 0.46 2.87
N ILE A 333 27.33 -0.65 2.60
CA ILE A 333 26.39 -0.72 1.49
C ILE A 333 25.30 0.33 1.64
N CYS A 334 24.72 0.44 2.84
CA CYS A 334 23.69 1.43 3.09
C CYS A 334 24.21 2.85 2.80
N ILE A 335 25.43 3.15 3.26
CA ILE A 335 26.01 4.47 3.04
C ILE A 335 26.16 4.76 1.55
N GLU A 336 26.60 3.76 0.76
CA GLU A 336 26.77 3.98 -0.68
C GLU A 336 25.47 4.33 -1.38
N ALA A 337 24.33 3.78 -0.92
CA ALA A 337 23.08 3.94 -1.64
C ALA A 337 22.58 5.38 -1.67
N GLU A 338 23.00 6.22 -0.70
CA GLU A 338 22.48 7.58 -0.61
C GLU A 338 22.82 8.41 -1.85
N ALA A 339 23.98 8.17 -2.46
CA ALA A 339 24.34 8.96 -3.64
C ALA A 339 23.50 8.60 -4.85
N ARG A 340 22.88 7.42 -4.85
CA ARG A 340 22.01 6.99 -5.93
C ARG A 340 20.55 7.41 -5.74
N LEU A 341 20.19 7.97 -4.59
CA LEU A 341 18.82 8.38 -4.37
C LEU A 341 18.40 9.45 -5.38
N PRO A 342 17.13 9.50 -5.75
CA PRO A 342 16.66 10.58 -6.64
C PRO A 342 16.45 11.90 -5.89
N TRP A 343 17.56 12.50 -5.44
CA TRP A 343 17.50 13.84 -4.88
C TRP A 343 17.02 14.85 -5.92
N SER A 344 16.20 15.80 -5.47
CA SER A 344 15.72 16.88 -6.33
C SER A 344 16.82 17.94 -6.53
N THR A 345 16.87 18.51 -7.73
CA THR A 345 17.76 19.65 -7.92
C THR A 345 17.14 20.96 -7.43
N THR A 346 15.83 20.99 -7.14
CA THR A 346 15.11 22.24 -6.88
C THR A 346 14.22 22.21 -5.63
N ASP A 347 13.80 21.04 -5.15
CA ASP A 347 12.69 20.95 -4.20
C ASP A 347 13.23 20.71 -2.80
N GLU A 348 13.27 21.78 -2.01
CA GLU A 348 13.76 21.71 -0.62
C GLU A 348 12.88 20.78 0.21
N LYS A 349 11.56 20.95 0.13
CA LYS A 349 10.60 20.11 0.88
C LYS A 349 10.81 18.63 0.54
N LEU A 350 10.85 18.30 -0.75
CA LEU A 350 11.03 16.89 -1.18
C LEU A 350 12.35 16.34 -0.66
N ASN A 351 13.43 17.14 -0.73
CA ASN A 351 14.73 16.63 -0.28
C ASN A 351 14.78 16.50 1.24
N ASN A 352 14.08 17.38 1.97
CA ASN A 352 13.94 17.18 3.42
C ASN A 352 13.15 15.92 3.74
N ASN A 353 12.15 15.58 2.91
CA ASN A 353 11.41 14.34 3.10
C ASN A 353 12.28 13.12 2.81
N ILE A 354 13.06 13.16 1.74
CA ILE A 354 13.99 12.05 1.48
C ILE A 354 14.96 11.91 2.64
N ARG A 355 15.55 13.03 3.07
CA ARG A 355 16.47 13.03 4.19
C ARG A 355 15.83 12.40 5.42
N GLU A 356 14.70 12.95 5.86
CA GLU A 356 14.02 12.44 7.05
C GLU A 356 13.73 10.94 6.94
N TYR A 357 13.30 10.48 5.75
CA TYR A 357 12.93 9.08 5.60
C TYR A 357 14.12 8.14 5.80
N ILE A 358 15.28 8.49 5.22
CA ILE A 358 16.45 7.63 5.42
C ILE A 358 16.98 7.77 6.84
N ARG A 359 16.78 8.92 7.49
CA ARG A 359 17.20 9.01 8.90
C ARG A 359 16.33 8.10 9.77
N GLY A 360 15.02 8.07 9.49
CA GLY A 360 14.15 7.07 10.10
C GLY A 360 14.68 5.66 9.96
N CYS A 361 15.14 5.32 8.77
CA CYS A 361 15.68 3.98 8.53
C CYS A 361 16.92 3.73 9.39
N GLN A 362 17.82 4.71 9.43
CA GLN A 362 19.06 4.56 10.17
C GLN A 362 18.81 4.51 11.68
N ARG A 363 17.86 5.30 12.17
CA ARG A 363 17.58 5.30 13.60
C ARG A 363 16.96 3.99 14.06
N LEU A 364 16.30 3.26 13.16
CA LEU A 364 15.88 1.92 13.51
C LEU A 364 17.06 1.04 13.85
N ALA A 365 18.16 1.18 13.10
CA ALA A 365 19.36 0.40 13.37
C ALA A 365 20.09 0.92 14.61
N THR A 366 20.47 2.20 14.60
CA THR A 366 21.18 2.74 15.76
C THR A 366 20.28 2.79 16.98
N GLY A 367 18.99 3.10 16.79
CA GLY A 367 18.11 3.25 17.93
C GLY A 367 17.84 1.95 18.65
N THR A 368 17.66 0.87 17.87
CA THR A 368 17.50 -0.45 18.49
C THR A 368 18.70 -0.79 19.36
N ALA A 369 19.91 -0.52 18.84
CA ALA A 369 21.12 -0.71 19.63
C ALA A 369 21.12 0.20 20.85
N CYS A 370 20.94 1.50 20.62
CA CYS A 370 20.99 2.46 21.73
C CYS A 370 19.99 2.10 22.83
N TRP A 371 18.77 1.73 22.44
CA TRP A 371 17.76 1.35 23.43
C TRP A 371 18.19 0.09 24.20
N SER A 372 18.74 -0.92 23.49
CA SER A 372 19.18 -2.14 24.17
C SER A 372 20.24 -1.86 25.23
N TYR A 373 21.06 -0.81 25.02
CA TYR A 373 22.11 -0.37 25.93
C TYR A 373 21.57 0.52 27.04
N ASN A 374 20.27 0.79 27.02
CA ASN A 374 19.66 1.72 27.97
C ASN A 374 18.41 1.13 28.61
N CYS A 375 18.27 -0.18 28.58
CA CYS A 375 17.19 -0.88 29.28
C CYS A 375 17.68 -2.28 29.59
N GLU A 376 16.86 -3.05 30.31
CA GLU A 376 17.24 -4.37 30.77
C GLU A 376 16.42 -5.47 30.09
N ARG A 377 15.97 -5.23 28.86
CA ARG A 377 15.27 -6.30 28.15
C ARG A 377 16.19 -7.48 27.86
N TYR A 378 17.46 -7.23 27.60
CA TYR A 378 18.32 -8.28 27.06
C TYR A 378 19.39 -8.74 28.02
N PHE A 379 19.78 -7.89 28.96
CA PHE A 379 20.85 -8.15 29.91
C PHE A 379 20.73 -7.11 31.00
N LYS A 380 21.46 -7.33 32.09
CA LYS A 380 21.59 -6.33 33.12
C LYS A 380 22.55 -5.23 32.65
N LEU A 381 22.16 -3.98 32.89
CA LEU A 381 22.99 -2.86 32.45
C LEU A 381 24.33 -2.84 33.16
N SER A 382 24.45 -3.46 34.34
CA SER A 382 25.76 -3.62 34.96
C SER A 382 26.72 -4.43 34.11
N GLN A 383 26.21 -5.18 33.12
CA GLN A 383 27.06 -5.96 32.24
C GLN A 383 27.80 -5.10 31.21
N LEU A 384 27.46 -3.82 31.11
CA LEU A 384 28.21 -2.89 30.28
C LEU A 384 29.31 -2.24 31.11
N ASN A 385 30.50 -2.11 30.52
CA ASN A 385 31.60 -1.43 31.20
C ASN A 385 31.66 0.02 30.75
N ASP A 386 32.75 0.71 31.12
CA ASP A 386 32.81 2.16 31.00
C ASP A 386 32.73 2.64 29.54
N GLN A 387 33.17 1.84 28.58
CA GLN A 387 33.06 2.21 27.18
C GLN A 387 31.95 1.46 26.46
N GLN A 388 30.99 0.91 27.21
CA GLN A 388 29.78 0.30 26.68
C GLN A 388 30.07 -0.97 25.90
N GLU A 389 31.11 -1.70 26.31
CA GLU A 389 31.29 -3.07 25.87
C GLU A 389 30.42 -4.00 26.72
N LEU A 390 29.62 -4.82 26.07
CA LEU A 390 28.73 -5.75 26.76
C LEU A 390 29.47 -7.04 27.04
N LEU A 391 29.46 -7.47 28.30
CA LEU A 391 30.00 -8.77 28.68
C LEU A 391 28.84 -9.76 28.69
N LEU A 392 28.60 -10.38 27.54
CA LEU A 392 27.60 -11.45 27.50
C LEU A 392 27.95 -12.51 28.53
N ASP A 393 26.92 -13.10 29.14
CA ASP A 393 27.11 -14.19 30.08
C ASP A 393 26.08 -15.25 29.75
N LEU A 394 26.52 -16.33 29.12
CA LEU A 394 25.63 -17.43 28.79
C LEU A 394 25.48 -18.44 29.92
N SER A 395 25.71 -18.01 31.17
CA SER A 395 25.33 -18.82 32.33
C SER A 395 23.83 -19.09 32.31
N ARG A 396 23.44 -20.03 33.15
CA ARG A 396 22.02 -20.26 33.40
C ARG A 396 21.79 -21.06 34.68
N SER B 44 -22.50 32.09 -21.97
CA SER B 44 -21.39 32.25 -21.03
C SER B 44 -21.85 32.94 -19.75
N GLY B 45 -22.97 33.67 -19.81
CA GLY B 45 -23.63 34.05 -18.57
C GLY B 45 -23.98 32.84 -17.72
N GLU B 46 -24.48 31.80 -18.36
CA GLU B 46 -24.58 30.47 -17.75
C GLU B 46 -23.30 30.08 -17.04
N ARG B 47 -22.17 30.16 -17.76
CA ARG B 47 -20.90 29.71 -17.20
C ARG B 47 -20.42 30.63 -16.08
N ARG B 48 -20.64 31.94 -16.20
CA ARG B 48 -20.26 32.84 -15.12
C ARG B 48 -21.05 32.54 -13.85
N GLU B 49 -22.36 32.31 -14.00
CA GLU B 49 -23.20 32.00 -12.85
C GLU B 49 -22.76 30.70 -12.19
N ILE B 50 -22.40 29.70 -13.00
CA ILE B 50 -21.86 28.46 -12.45
C ILE B 50 -20.66 28.74 -11.57
N ILE B 51 -19.68 29.47 -12.11
CA ILE B 51 -18.45 29.76 -11.37
C ILE B 51 -18.77 30.54 -10.11
N ARG B 52 -19.66 31.53 -10.21
CA ARG B 52 -20.00 32.35 -9.05
C ARG B 52 -20.57 31.51 -7.92
N ARG B 53 -21.44 30.57 -8.26
CA ARG B 53 -22.12 29.79 -7.24
C ARG B 53 -21.28 28.64 -6.71
N ALA B 54 -20.27 28.19 -7.46
CA ALA B 54 -19.44 27.07 -7.02
C ALA B 54 -18.15 27.52 -6.34
N LEU B 55 -17.65 28.71 -6.68
CA LEU B 55 -16.31 29.15 -6.30
C LEU B 55 -16.15 29.28 -4.79
N ASN B 56 -15.09 28.65 -4.27
CA ASN B 56 -14.70 28.66 -2.87
C ASN B 56 -15.66 27.86 -2.00
N LYS B 57 -16.59 27.11 -2.59
CA LYS B 57 -17.46 26.28 -1.78
C LYS B 57 -16.69 25.07 -1.27
N LYS B 58 -16.91 24.73 -0.01
CA LYS B 58 -16.43 23.50 0.57
C LYS B 58 -17.62 22.58 0.78
N ILE B 59 -17.48 21.33 0.38
CA ILE B 59 -18.56 20.34 0.47
C ILE B 59 -17.97 19.07 1.06
N LEU B 60 -18.53 18.62 2.17
CA LEU B 60 -18.09 17.36 2.74
C LEU B 60 -18.82 16.22 2.01
N VAL B 61 -18.05 15.31 1.41
CA VAL B 61 -18.61 14.17 0.71
C VAL B 61 -18.42 12.93 1.57
N PRO B 62 -19.46 12.14 1.82
CA PRO B 62 -19.32 10.93 2.64
C PRO B 62 -18.50 9.88 1.90
N ASN B 63 -18.15 8.81 2.62
CA ASN B 63 -17.44 7.70 2.00
C ASN B 63 -18.30 7.05 0.91
N ILE B 64 -17.96 7.32 -0.36
CA ILE B 64 -18.74 6.78 -1.47
C ILE B 64 -18.76 5.25 -1.45
N LEU B 65 -17.66 4.61 -1.03
CA LEU B 65 -17.63 3.15 -0.94
C LEU B 65 -18.74 2.60 -0.04
N GLU B 66 -19.12 3.35 1.00
CA GLU B 66 -20.19 2.86 1.87
C GLU B 66 -21.54 2.85 1.14
N LEU B 67 -21.65 3.55 0.00
CA LEU B 67 -22.87 3.47 -0.79
C LEU B 67 -22.96 2.19 -1.61
N MET B 68 -21.89 1.39 -1.65
CA MET B 68 -21.87 0.10 -2.34
C MET B 68 -21.41 -0.98 -1.36
N PRO B 69 -22.21 -1.22 -0.31
CA PRO B 69 -21.71 -1.99 0.84
C PRO B 69 -21.45 -3.45 0.56
N ALA B 70 -22.17 -4.06 -0.38
CA ALA B 70 -21.94 -5.48 -0.65
C ALA B 70 -20.65 -5.73 -1.41
N TRP B 71 -20.05 -4.67 -1.96
CA TRP B 71 -18.92 -4.81 -2.87
C TRP B 71 -17.66 -4.37 -2.16
N PRO B 72 -16.76 -5.29 -1.81
CA PRO B 72 -15.57 -4.93 -1.05
C PRO B 72 -14.43 -4.44 -1.93
N SER B 73 -13.50 -3.74 -1.29
CA SER B 73 -12.31 -3.20 -1.95
C SER B 73 -11.10 -3.98 -1.45
N GLU B 74 -10.30 -4.48 -2.37
CA GLU B 74 -9.09 -5.21 -2.02
C GLU B 74 -7.93 -4.74 -2.89
N PHE B 75 -6.74 -5.22 -2.56
CA PHE B 75 -5.52 -4.86 -3.27
C PHE B 75 -4.80 -6.13 -3.67
N GLN B 76 -4.41 -6.19 -4.93
CA GLN B 76 -3.55 -7.25 -5.40
C GLN B 76 -2.24 -7.20 -4.59
N PRO B 77 -1.72 -8.35 -4.12
CA PRO B 77 -0.65 -8.29 -3.12
C PRO B 77 0.72 -7.85 -3.67
N ASN B 78 0.92 -7.79 -4.99
CA ASN B 78 2.23 -7.49 -5.55
C ASN B 78 2.33 -6.12 -6.18
N ILE B 79 1.46 -5.16 -5.80
CA ILE B 79 1.47 -3.83 -6.40
C ILE B 79 2.86 -3.21 -6.32
N ASP B 80 3.52 -3.32 -5.16
CA ASP B 80 4.80 -2.65 -5.00
C ASP B 80 5.84 -3.22 -5.96
N GLU B 81 5.94 -4.55 -6.04
CA GLU B 81 6.91 -5.18 -6.94
C GLU B 81 6.64 -4.78 -8.39
N VAL B 82 5.37 -4.83 -8.80
CA VAL B 82 5.03 -4.53 -10.19
C VAL B 82 5.33 -3.07 -10.50
N ASN B 83 5.21 -2.19 -9.50
CA ASN B 83 5.54 -0.79 -9.77
C ASN B 83 7.02 -0.61 -10.06
N VAL B 84 7.87 -1.44 -9.46
CA VAL B 84 9.29 -1.42 -9.81
C VAL B 84 9.47 -1.78 -11.27
N GLU B 85 8.76 -2.81 -11.74
CA GLU B 85 8.80 -3.17 -13.17
C GLU B 85 8.27 -2.04 -14.03
N ILE B 86 7.13 -1.46 -13.64
CA ILE B 86 6.54 -0.34 -14.36
C ILE B 86 7.52 0.82 -14.45
N ASP B 87 8.26 1.10 -13.37
CA ASP B 87 9.20 2.22 -13.40
C ASP B 87 10.29 2.00 -14.43
N GLU B 88 10.87 0.79 -14.48
CA GLU B 88 11.86 0.47 -15.50
C GLU B 88 11.24 0.54 -16.90
N TRP B 89 10.01 0.05 -17.04
CA TRP B 89 9.36 0.07 -18.35
C TRP B 89 9.00 1.49 -18.80
N LEU B 90 8.69 2.38 -17.86
CA LEU B 90 8.29 3.73 -18.27
C LEU B 90 9.44 4.49 -18.93
N LYS B 91 10.69 4.17 -18.56
CA LYS B 91 11.84 4.83 -19.18
C LYS B 91 11.85 4.63 -20.69
N THR B 92 11.31 3.51 -21.15
CA THR B 92 11.28 3.20 -22.57
C THR B 92 10.13 3.87 -23.31
N VAL B 93 9.15 4.41 -22.59
CA VAL B 93 7.96 4.96 -23.24
C VAL B 93 8.26 6.35 -23.77
N ASN B 94 7.90 6.59 -25.04
CA ASN B 94 8.14 7.86 -25.73
C ASN B 94 7.07 8.89 -25.38
N VAL B 95 7.04 9.22 -24.09
CA VAL B 95 6.30 10.34 -23.52
C VAL B 95 7.35 11.11 -22.70
N ALA B 96 7.13 12.40 -22.53
CA ALA B 96 8.12 13.22 -21.84
C ALA B 96 8.30 12.74 -20.40
N LYS B 97 9.56 12.69 -19.96
CA LYS B 97 9.87 12.21 -18.62
C LYS B 97 9.03 12.89 -17.53
N GLU B 98 8.89 14.21 -17.61
CA GLU B 98 8.14 14.92 -16.58
C GLU B 98 6.66 14.59 -16.64
N LYS B 99 6.13 14.34 -17.84
CA LYS B 99 4.74 13.91 -17.96
C LYS B 99 4.54 12.50 -17.40
N LYS B 100 5.47 11.58 -17.70
CA LYS B 100 5.35 10.23 -17.18
C LYS B 100 5.43 10.21 -15.66
N LEU B 101 6.32 11.04 -15.08
CA LEU B 101 6.43 11.05 -13.63
C LEU B 101 5.23 11.72 -12.99
N LYS B 102 4.67 12.75 -13.61
CA LYS B 102 3.47 13.33 -13.03
C LYS B 102 2.32 12.31 -13.03
N HIS B 103 2.22 11.49 -14.08
CA HIS B 103 1.21 10.42 -14.08
C HIS B 103 1.53 9.37 -13.04
N ARG B 104 2.80 8.97 -12.95
CA ARG B 104 3.22 7.96 -12.00
C ARG B 104 3.01 8.41 -10.57
N ALA B 105 3.31 9.69 -10.28
CA ALA B 105 3.24 10.20 -8.92
C ALA B 105 1.81 10.45 -8.50
N ARG B 106 1.03 11.12 -9.34
CA ARG B 106 -0.32 11.50 -8.98
C ARG B 106 -1.34 10.40 -9.27
N GLY B 107 -1.14 9.64 -10.33
CA GLY B 107 -2.12 8.67 -10.78
C GLY B 107 -1.84 7.24 -10.37
N ASN B 108 -0.57 6.81 -10.44
CA ASN B 108 -0.14 5.55 -9.82
C ASN B 108 -1.04 4.40 -10.25
N TYR B 109 -1.16 4.23 -11.57
CA TYR B 109 -2.16 3.36 -12.16
C TYR B 109 -1.90 1.89 -11.89
N THR B 110 -0.68 1.51 -11.50
CA THR B 110 -0.48 0.15 -11.02
C THR B 110 -1.39 -0.13 -9.83
N LEU B 111 -1.55 0.87 -8.94
CA LEU B 111 -2.42 0.67 -7.80
C LEU B 111 -3.87 0.50 -8.26
N LEU B 112 -4.27 1.23 -9.31
CA LEU B 112 -5.62 1.09 -9.85
C LEU B 112 -5.86 -0.30 -10.40
N ALA B 113 -4.95 -0.78 -11.25
CA ALA B 113 -5.01 -2.18 -11.71
C ALA B 113 -5.02 -3.16 -10.56
N GLY B 114 -4.32 -2.87 -9.46
CA GLY B 114 -4.31 -3.78 -8.34
C GLY B 114 -5.59 -3.79 -7.53
N ILE B 115 -6.38 -2.73 -7.64
CA ILE B 115 -7.70 -2.69 -7.02
C ILE B 115 -8.77 -3.25 -7.96
N TYR B 116 -8.64 -2.98 -9.27
CA TYR B 116 -9.51 -3.61 -10.26
C TYR B 116 -9.38 -5.13 -10.20
N TYR B 117 -8.15 -5.63 -10.05
CA TYR B 117 -7.87 -7.06 -10.19
C TYR B 117 -7.16 -7.63 -8.95
N PRO B 118 -7.75 -7.46 -7.77
CA PRO B 118 -7.01 -7.80 -6.54
C PRO B 118 -6.64 -9.27 -6.43
N HIS B 119 -7.32 -10.18 -7.13
CA HIS B 119 -7.03 -11.60 -7.00
C HIS B 119 -6.36 -12.20 -8.23
N CYS B 120 -5.78 -11.39 -9.11
CA CYS B 120 -5.08 -11.97 -10.24
C CYS B 120 -3.72 -12.47 -9.78
N ARG B 121 -3.19 -13.45 -10.48
CA ARG B 121 -1.80 -13.85 -10.28
C ARG B 121 -0.87 -12.72 -10.72
N LYS B 122 0.34 -12.71 -10.14
CA LYS B 122 1.28 -11.60 -10.33
C LYS B 122 1.64 -11.39 -11.79
N GLU B 123 1.86 -12.47 -12.53
CA GLU B 123 2.22 -12.39 -13.94
C GLU B 123 1.20 -11.62 -14.79
N LYS B 124 -0.04 -11.46 -14.32
CA LYS B 124 -1.03 -10.70 -15.07
C LYS B 124 -0.89 -9.21 -14.85
N MET B 125 -0.29 -8.81 -13.73
CA MET B 125 -0.35 -7.43 -13.28
C MET B 125 0.38 -6.48 -14.24
N LEU B 126 1.48 -6.93 -14.84
CA LEU B 126 2.30 -6.01 -15.63
C LEU B 126 1.52 -5.46 -16.83
N ALA B 127 0.94 -6.33 -17.65
CA ALA B 127 0.21 -5.86 -18.83
C ALA B 127 -1.01 -5.03 -18.42
N LEU B 128 -1.68 -5.39 -17.34
CA LEU B 128 -2.85 -4.63 -16.92
C LEU B 128 -2.46 -3.22 -16.50
N SER B 129 -1.34 -3.11 -15.79
CA SER B 129 -0.89 -1.80 -15.34
C SER B 129 -0.42 -0.99 -16.54
N GLN B 130 0.31 -1.62 -17.46
CA GLN B 130 0.78 -0.90 -18.66
C GLN B 130 -0.39 -0.32 -19.44
N PHE B 131 -1.45 -1.10 -19.61
CA PHE B 131 -2.60 -0.63 -20.37
C PHE B 131 -3.18 0.66 -19.78
N LEU B 132 -3.21 0.75 -18.44
CA LEU B 132 -3.78 1.94 -17.81
C LEU B 132 -2.85 3.12 -17.99
N TYR B 133 -1.54 2.89 -17.99
CA TYR B 133 -0.60 3.96 -18.32
C TYR B 133 -0.78 4.40 -19.77
N TRP B 134 -1.09 3.46 -20.66
CA TRP B 134 -1.35 3.83 -22.05
C TRP B 134 -2.58 4.72 -22.16
N ILE B 135 -3.70 4.27 -21.60
CA ILE B 135 -4.95 4.98 -21.86
C ILE B 135 -4.90 6.38 -21.24
N PHE B 136 -4.25 6.52 -20.08
CA PHE B 136 -4.13 7.86 -19.49
C PHE B 136 -3.13 8.71 -20.25
N PHE B 137 -2.02 8.13 -20.70
CA PHE B 137 -1.08 8.86 -21.56
C PHE B 137 -1.77 9.29 -22.84
N TRP B 138 -2.43 8.34 -23.51
CA TRP B 138 -3.09 8.60 -24.79
C TRP B 138 -4.15 9.69 -24.66
N ASP B 139 -4.98 9.60 -23.62
CA ASP B 139 -5.98 10.63 -23.36
C ASP B 139 -5.35 12.00 -23.16
N ASP B 140 -4.21 12.02 -22.45
CA ASP B 140 -3.48 13.27 -22.17
C ASP B 140 -2.99 13.93 -23.45
N GLU B 141 -2.32 13.16 -24.33
CA GLU B 141 -1.70 13.75 -25.53
C GLU B 141 -2.73 14.28 -26.52
N ILE B 142 -3.86 13.58 -26.69
CA ILE B 142 -4.80 13.92 -27.74
C ILE B 142 -5.55 15.22 -27.43
N ASP B 143 -5.22 15.84 -26.30
CA ASP B 143 -5.55 17.25 -26.07
C ASP B 143 -4.60 17.83 -25.01
N ASP B 151 -6.46 21.16 -32.11
CA ASP B 151 -6.00 20.72 -33.43
C ASP B 151 -6.75 19.49 -33.90
N ARG B 152 -7.81 19.71 -34.69
CA ARG B 152 -8.64 18.62 -35.18
C ARG B 152 -7.83 17.61 -35.98
N GLU B 153 -6.91 18.11 -36.81
CA GLU B 153 -6.11 17.24 -37.66
C GLU B 153 -5.26 16.28 -36.84
N GLY B 154 -4.59 16.80 -35.80
CA GLY B 154 -3.83 15.93 -34.92
C GLY B 154 -4.67 14.85 -34.28
N THR B 155 -5.91 15.19 -33.91
CA THR B 155 -6.83 14.21 -33.32
C THR B 155 -7.23 13.15 -34.33
N ILE B 156 -7.57 13.57 -35.54
CA ILE B 156 -8.00 12.63 -36.57
C ILE B 156 -6.85 11.70 -36.95
N LEU B 157 -5.62 12.20 -36.94
CA LEU B 157 -4.49 11.36 -37.33
C LEU B 157 -4.18 10.32 -36.27
N CYS B 158 -4.04 10.76 -35.01
CA CYS B 158 -3.74 9.84 -33.93
C CYS B 158 -4.85 8.79 -33.77
N CYS B 159 -6.09 9.22 -33.88
CA CYS B 159 -7.20 8.26 -33.74
C CYS B 159 -7.14 7.19 -34.82
N ALA B 160 -6.75 7.58 -36.04
CA ALA B 160 -6.68 6.59 -37.12
C ALA B 160 -5.47 5.68 -36.97
N GLU B 161 -4.36 6.19 -36.43
CA GLU B 161 -3.21 5.34 -36.17
C GLU B 161 -3.45 4.44 -34.96
N THR B 162 -4.26 4.91 -34.01
CA THR B 162 -4.62 4.06 -32.88
C THR B 162 -5.60 2.96 -33.29
N ASN B 163 -6.55 3.27 -34.18
CA ASN B 163 -7.46 2.23 -34.68
C ASN B 163 -6.71 1.20 -35.52
N LYS B 164 -5.72 1.65 -36.28
CA LYS B 164 -4.85 0.75 -37.03
C LYS B 164 -4.17 -0.24 -36.07
N CYS B 165 -3.49 0.29 -35.05
CA CYS B 165 -2.82 -0.54 -34.06
C CYS B 165 -3.77 -1.53 -33.40
N ILE B 166 -4.97 -1.07 -33.00
CA ILE B 166 -5.96 -1.98 -32.44
C ILE B 166 -6.25 -3.12 -33.41
N ASN B 167 -6.43 -2.78 -34.69
CA ASN B 167 -6.72 -3.77 -35.72
C ASN B 167 -5.51 -4.66 -35.97
N ASP B 168 -4.34 -4.04 -36.05
CA ASP B 168 -3.11 -4.78 -36.29
C ASP B 168 -2.90 -5.85 -35.23
N CYS B 169 -3.10 -5.50 -33.95
CA CYS B 169 -2.80 -6.36 -32.81
C CYS B 169 -3.93 -7.32 -32.45
N LEU B 170 -5.19 -6.89 -32.54
CA LEU B 170 -6.31 -7.72 -32.13
C LEU B 170 -7.12 -8.28 -33.29
N GLY B 171 -6.72 -8.03 -34.54
CA GLY B 171 -7.45 -8.53 -35.68
C GLY B 171 -7.03 -9.93 -36.09
N PRO B 172 -7.60 -10.40 -37.23
CA PRO B 172 -7.35 -11.79 -37.68
C PRO B 172 -5.93 -12.11 -38.12
N GLU B 173 -5.20 -11.17 -38.74
CA GLU B 173 -3.81 -11.43 -39.11
C GLU B 173 -2.91 -10.49 -38.29
N PRO B 174 -2.48 -10.91 -37.10
CA PRO B 174 -1.84 -9.96 -36.17
C PRO B 174 -0.48 -9.49 -36.67
N ASN B 175 -0.26 -8.18 -36.61
CA ASN B 175 1.04 -7.58 -36.83
C ASN B 175 1.34 -6.68 -35.63
N TYR B 176 2.34 -7.05 -34.82
CA TYR B 176 2.66 -6.32 -33.60
C TYR B 176 3.82 -5.35 -33.76
N THR B 177 4.32 -5.16 -34.98
CA THR B 177 5.37 -4.17 -35.18
C THR B 177 4.72 -2.80 -35.39
N PRO B 178 5.05 -1.80 -34.57
CA PRO B 178 4.53 -0.45 -34.84
C PRO B 178 5.09 0.06 -36.15
N PRO B 179 4.33 0.86 -36.89
CA PRO B 179 4.89 1.52 -38.05
C PRO B 179 6.06 2.39 -37.65
N PRO B 180 6.99 2.68 -38.57
CA PRO B 180 8.22 3.37 -38.16
C PRO B 180 8.03 4.77 -37.63
N GLY B 181 7.05 5.53 -38.12
CA GLY B 181 6.95 6.88 -37.60
C GLY B 181 5.98 7.07 -36.44
N SER B 182 5.74 6.00 -35.67
CA SER B 182 4.60 5.98 -34.75
C SER B 182 4.81 6.93 -33.58
N ARG B 183 3.78 7.72 -33.27
CA ARG B 183 3.88 8.58 -32.10
C ARG B 183 3.89 7.74 -30.84
N GLY B 184 4.44 8.34 -29.77
CA GLY B 184 4.79 7.56 -28.58
C GLY B 184 3.61 6.83 -27.95
N THR B 185 2.44 7.48 -27.89
CA THR B 185 1.31 6.82 -27.27
C THR B 185 0.68 5.78 -28.18
N VAL B 186 1.09 5.70 -29.44
CA VAL B 186 0.64 4.63 -30.33
C VAL B 186 1.64 3.48 -30.33
N GLU B 187 2.92 3.80 -30.41
CA GLU B 187 3.97 2.78 -30.44
C GLU B 187 3.94 1.92 -29.17
N MET B 188 3.65 2.52 -28.02
CA MET B 188 3.63 1.75 -26.78
C MET B 188 2.44 0.79 -26.71
N LEU B 189 1.38 1.04 -27.48
CA LEU B 189 0.17 0.23 -27.43
C LEU B 189 0.33 -1.12 -28.14
N TYR B 190 1.22 -1.21 -29.13
CA TYR B 190 1.45 -2.49 -29.79
C TYR B 190 1.84 -3.59 -28.82
N PRO B 191 2.93 -3.51 -28.07
CA PRO B 191 3.27 -4.62 -27.17
C PRO B 191 2.27 -4.85 -26.05
N ILE B 192 1.48 -3.84 -25.66
CA ILE B 192 0.47 -4.03 -24.61
C ILE B 192 -0.65 -4.92 -25.13
N LEU B 193 -1.19 -4.59 -26.30
CA LEU B 193 -2.26 -5.40 -26.88
C LEU B 193 -1.75 -6.81 -27.20
N ARG B 194 -0.52 -6.91 -27.73
CA ARG B 194 0.05 -8.23 -27.96
C ARG B 194 0.07 -9.07 -26.68
N ASP B 195 0.48 -8.46 -25.57
CA ASP B 195 0.53 -9.19 -24.30
C ASP B 195 -0.87 -9.56 -23.80
N LEU B 196 -1.81 -8.61 -23.80
CA LEU B 196 -3.19 -8.90 -23.42
C LEU B 196 -3.78 -10.04 -24.25
N ARG B 197 -3.62 -9.98 -25.56
CA ARG B 197 -4.22 -10.97 -26.44
C ARG B 197 -3.66 -12.35 -26.18
N ALA B 198 -2.37 -12.45 -25.82
CA ALA B 198 -1.81 -13.75 -25.46
C ALA B 198 -2.46 -14.34 -24.21
N GLY B 199 -3.15 -13.53 -23.41
CA GLY B 199 -3.90 -14.02 -22.26
C GLY B 199 -5.41 -14.01 -22.40
N LEU B 200 -5.93 -13.72 -23.59
CA LEU B 200 -7.37 -13.70 -23.83
C LEU B 200 -7.73 -14.78 -24.85
N SER B 201 -8.89 -15.38 -24.71
CA SER B 201 -9.37 -16.23 -25.77
C SER B 201 -9.74 -15.35 -26.97
N PRO B 202 -9.91 -15.93 -28.16
CA PRO B 202 -10.34 -15.10 -29.30
C PRO B 202 -11.69 -14.46 -29.08
N VAL B 203 -12.54 -15.05 -28.24
CA VAL B 203 -13.84 -14.44 -27.97
C VAL B 203 -13.66 -13.15 -27.19
N SER B 204 -12.84 -13.18 -26.14
CA SER B 204 -12.54 -11.97 -25.38
C SER B 204 -11.73 -10.98 -26.23
N THR B 205 -10.82 -11.49 -27.06
CA THR B 205 -10.03 -10.60 -27.90
C THR B 205 -10.92 -9.78 -28.83
N MET B 206 -11.95 -10.42 -29.40
CA MET B 206 -12.90 -9.72 -30.25
C MET B 206 -13.65 -8.64 -29.47
N ARG B 207 -14.05 -8.93 -28.24
CA ARG B 207 -14.71 -7.93 -27.41
C ARG B 207 -13.79 -6.75 -27.14
N LEU B 208 -12.55 -7.03 -26.74
CA LEU B 208 -11.60 -5.95 -26.42
C LEU B 208 -11.32 -5.09 -27.65
N LYS B 209 -11.18 -5.75 -28.79
CA LYS B 209 -10.92 -5.06 -30.05
C LYS B 209 -11.98 -4.00 -30.30
N GLN B 210 -13.23 -4.44 -30.37
CA GLN B 210 -14.34 -3.55 -30.65
C GLN B 210 -14.51 -2.49 -29.58
N GLU B 211 -14.22 -2.87 -28.34
CA GLU B 211 -14.35 -1.95 -27.22
C GLU B 211 -13.31 -0.83 -27.29
N LEU B 212 -12.09 -1.17 -27.68
CA LEU B 212 -11.06 -0.15 -27.90
C LEU B 212 -11.41 0.76 -29.09
N HIS B 213 -11.89 0.17 -30.21
CA HIS B 213 -12.35 0.99 -31.34
C HIS B 213 -13.42 1.98 -30.90
N ASP B 214 -14.40 1.50 -30.12
CA ASP B 214 -15.49 2.34 -29.66
C ASP B 214 -14.98 3.46 -28.78
N TYR B 215 -13.96 3.19 -27.97
CA TYR B 215 -13.42 4.25 -27.13
C TYR B 215 -12.67 5.28 -27.97
N VAL B 216 -11.78 4.81 -28.85
CA VAL B 216 -11.04 5.73 -29.72
C VAL B 216 -12.00 6.57 -30.54
N ASN B 217 -12.98 5.92 -31.17
CA ASN B 217 -13.91 6.64 -32.03
C ASN B 217 -14.81 7.58 -31.26
N GLY B 218 -15.16 7.26 -30.00
CA GLY B 218 -15.84 8.24 -29.17
C GLY B 218 -15.01 9.49 -28.94
N VAL B 219 -13.70 9.30 -28.71
CA VAL B 219 -12.82 10.45 -28.54
C VAL B 219 -12.73 11.27 -29.83
N LYS B 220 -12.61 10.59 -30.98
CA LYS B 220 -12.50 11.30 -32.24
C LYS B 220 -13.74 12.13 -32.54
N ASN B 221 -14.91 11.57 -32.25
CA ASN B 221 -16.18 12.24 -32.49
C ASN B 221 -16.59 13.21 -31.38
N GLN B 222 -15.74 13.42 -30.37
CA GLN B 222 -16.07 14.34 -29.29
C GLN B 222 -16.21 15.77 -29.81
N ASP B 229 -22.74 27.23 -27.85
CA ASP B 229 -23.77 27.90 -27.07
C ASP B 229 -23.70 27.50 -25.60
N HIS B 230 -24.86 27.28 -25.00
CA HIS B 230 -24.94 27.02 -23.58
C HIS B 230 -24.46 25.65 -23.18
N LEU B 231 -24.50 25.37 -21.89
CA LEU B 231 -24.06 24.09 -21.37
C LEU B 231 -25.06 23.00 -21.65
N PRO B 232 -24.58 21.77 -21.79
CA PRO B 232 -25.48 20.65 -22.06
C PRO B 232 -26.36 20.32 -20.86
N ASN B 233 -27.50 19.70 -21.17
CA ASN B 233 -28.35 19.16 -20.13
C ASN B 233 -27.58 18.11 -19.33
N PRO B 234 -27.78 18.01 -18.01
CA PRO B 234 -27.01 17.04 -17.23
C PRO B 234 -27.24 15.60 -17.69
N TRP B 235 -28.48 15.24 -17.99
CA TRP B 235 -28.77 13.89 -18.44
C TRP B 235 -28.17 13.62 -19.81
N ASP B 236 -28.10 14.65 -20.67
CA ASP B 236 -27.45 14.45 -21.97
C ASP B 236 -25.96 14.25 -21.81
N HIS B 237 -25.35 14.96 -20.86
CA HIS B 237 -23.93 14.74 -20.59
C HIS B 237 -23.70 13.33 -20.05
N PHE B 238 -24.49 12.94 -19.03
CA PHE B 238 -24.41 11.60 -18.47
C PHE B 238 -24.51 10.53 -19.54
N GLN B 239 -25.55 10.62 -20.38
CA GLN B 239 -25.71 9.65 -21.46
C GLN B 239 -24.49 9.59 -22.36
N MET B 240 -23.92 10.75 -22.69
CA MET B 240 -22.75 10.81 -23.55
C MET B 240 -21.58 10.04 -22.93
N ARG B 241 -21.30 10.29 -21.64
CA ARG B 241 -20.25 9.56 -20.95
C ARG B 241 -20.55 8.06 -20.91
N VAL B 242 -21.81 7.68 -20.70
CA VAL B 242 -22.17 6.26 -20.76
C VAL B 242 -21.75 5.66 -22.10
N ASP B 243 -22.18 6.28 -23.19
CA ASP B 243 -21.85 5.81 -24.53
C ASP B 243 -20.35 5.75 -24.75
N ASP B 244 -19.63 6.81 -24.37
CA ASP B 244 -18.26 7.00 -24.83
C ASP B 244 -17.22 6.42 -23.89
N VAL B 245 -17.41 6.53 -22.57
CA VAL B 245 -16.35 6.30 -21.58
C VAL B 245 -15.60 4.99 -21.80
N GLY B 246 -14.31 5.00 -21.50
CA GLY B 246 -13.44 3.88 -21.78
C GLY B 246 -13.25 2.96 -20.61
N VAL B 247 -14.35 2.57 -19.97
CA VAL B 247 -14.26 1.63 -18.85
C VAL B 247 -14.51 0.19 -19.28
N ILE B 248 -15.19 -0.03 -20.41
CA ILE B 248 -15.53 -1.40 -20.81
C ILE B 248 -14.28 -2.23 -21.09
N PRO B 249 -13.22 -1.70 -21.72
CA PRO B 249 -12.00 -2.51 -21.85
C PRO B 249 -11.41 -2.96 -20.52
N SER B 250 -11.64 -2.23 -19.43
CA SER B 250 -11.15 -2.70 -18.14
C SER B 250 -11.99 -3.86 -17.61
N ILE B 251 -13.28 -3.89 -17.92
CA ILE B 251 -14.10 -5.04 -17.53
C ILE B 251 -13.64 -6.28 -18.28
N THR B 252 -13.44 -6.15 -19.60
CA THR B 252 -12.96 -7.28 -20.39
C THR B 252 -11.57 -7.72 -19.95
N GLN B 253 -10.74 -6.79 -19.42
CA GLN B 253 -9.40 -7.17 -18.96
C GLN B 253 -9.43 -8.00 -17.69
N ASN B 254 -10.54 -8.01 -16.96
CA ASN B 254 -10.67 -9.00 -15.91
C ASN B 254 -10.57 -10.43 -16.46
N GLU B 255 -11.02 -10.65 -17.71
CA GLU B 255 -10.87 -11.98 -18.29
C GLU B 255 -9.42 -12.32 -18.53
N TYR B 256 -8.58 -11.31 -18.80
CA TYR B 256 -7.13 -11.52 -18.81
C TYR B 256 -6.61 -11.72 -17.39
N ALA B 257 -6.99 -10.82 -16.49
CA ALA B 257 -6.50 -10.88 -15.11
C ALA B 257 -6.72 -12.25 -14.49
N MET B 258 -7.90 -12.83 -14.69
CA MET B 258 -8.31 -14.06 -14.05
C MET B 258 -8.34 -15.24 -15.02
N ASP B 259 -7.93 -15.03 -16.27
CA ASP B 259 -7.72 -16.11 -17.23
C ASP B 259 -8.98 -16.98 -17.39
N PHE B 260 -10.06 -16.35 -17.85
CA PHE B 260 -11.30 -17.06 -18.15
C PHE B 260 -12.00 -16.36 -19.31
N THR B 261 -13.05 -16.99 -19.82
CA THR B 261 -13.89 -16.39 -20.84
C THR B 261 -15.35 -16.59 -20.48
N LEU B 262 -16.06 -15.48 -20.27
CA LEU B 262 -17.51 -15.51 -20.17
C LEU B 262 -18.11 -15.80 -21.54
N PRO B 263 -19.03 -16.75 -21.66
CA PRO B 263 -19.62 -17.03 -22.97
C PRO B 263 -20.43 -15.83 -23.45
N ASP B 264 -20.40 -15.60 -24.78
CA ASP B 264 -21.10 -14.46 -25.36
C ASP B 264 -22.59 -14.50 -25.06
N TRP B 265 -23.18 -15.71 -25.06
CA TRP B 265 -24.61 -15.79 -24.76
C TRP B 265 -24.91 -15.26 -23.36
N ILE B 266 -23.98 -15.40 -22.42
CA ILE B 266 -24.16 -14.79 -21.11
C ILE B 266 -23.80 -13.30 -21.14
N ARG B 267 -22.74 -12.92 -21.86
CA ARG B 267 -22.39 -11.52 -21.97
C ARG B 267 -23.52 -10.68 -22.58
N ARG B 268 -24.35 -11.28 -23.45
CA ARG B 268 -25.42 -10.58 -24.14
C ARG B 268 -26.80 -10.77 -23.51
N HIS B 269 -26.88 -11.58 -22.46
CA HIS B 269 -28.10 -11.69 -21.66
C HIS B 269 -28.45 -10.33 -21.06
N GLU B 270 -29.75 -9.99 -21.06
CA GLU B 270 -30.15 -8.65 -20.61
C GLU B 270 -29.61 -8.33 -19.22
N ALA B 271 -29.50 -9.34 -18.34
CA ALA B 271 -29.10 -9.07 -16.96
C ALA B 271 -27.61 -8.80 -16.84
N MET B 272 -26.78 -9.51 -17.61
CA MET B 272 -25.37 -9.17 -17.67
C MET B 272 -25.16 -7.83 -18.35
N GLU B 273 -25.91 -7.57 -19.42
CA GLU B 273 -25.79 -6.28 -20.07
C GLU B 273 -26.16 -5.15 -19.12
N GLU B 274 -27.14 -5.39 -18.25
CA GLU B 274 -27.54 -4.35 -17.32
C GLU B 274 -26.52 -4.17 -16.19
N ILE B 275 -25.88 -5.25 -15.75
CA ILE B 275 -24.86 -5.12 -14.71
C ILE B 275 -23.66 -4.35 -15.24
N VAL B 276 -23.24 -4.65 -16.47
CA VAL B 276 -22.21 -3.85 -17.14
C VAL B 276 -22.64 -2.39 -17.20
N LEU B 277 -23.88 -2.12 -17.62
CA LEU B 277 -24.34 -0.74 -17.76
C LEU B 277 -24.48 -0.03 -16.42
N GLN B 278 -25.04 -0.71 -15.41
CA GLN B 278 -25.16 -0.09 -14.10
C GLN B 278 -23.79 0.24 -13.53
N CYS B 279 -22.83 -0.63 -13.76
CA CYS B 279 -21.51 -0.40 -13.19
C CYS B 279 -20.77 0.71 -13.92
N THR B 280 -20.99 0.82 -15.24
CA THR B 280 -20.49 1.97 -15.98
C THR B 280 -21.10 3.26 -15.46
N LYS B 281 -22.42 3.26 -15.23
CA LYS B 281 -23.06 4.45 -14.68
C LYS B 281 -22.54 4.78 -13.29
N LEU B 282 -22.40 3.76 -12.44
CA LEU B 282 -21.89 4.00 -11.09
C LEU B 282 -20.50 4.65 -11.14
N THR B 283 -19.64 4.17 -12.04
CA THR B 283 -18.28 4.70 -12.15
C THR B 283 -18.27 6.16 -12.63
N ILE B 284 -19.13 6.49 -13.61
CA ILE B 284 -19.24 7.88 -14.05
C ILE B 284 -19.77 8.75 -12.93
N LEU B 285 -20.81 8.26 -12.24
CA LEU B 285 -21.45 9.05 -11.18
C LEU B 285 -20.47 9.40 -10.07
N LEU B 286 -19.67 8.43 -9.61
CA LEU B 286 -18.74 8.75 -8.53
C LEU B 286 -17.57 9.58 -9.05
N ASN B 287 -17.17 9.35 -10.30
CA ASN B 287 -16.12 10.19 -10.87
C ASN B 287 -16.56 11.65 -10.94
N GLU B 288 -17.84 11.88 -11.25
CA GLU B 288 -18.36 13.25 -11.33
C GLU B 288 -18.16 14.00 -10.02
N ILE B 289 -18.48 13.38 -8.89
CA ILE B 289 -18.20 14.01 -7.60
C ILE B 289 -16.70 14.10 -7.37
N LEU B 290 -15.98 12.98 -7.57
CA LEU B 290 -14.59 12.94 -7.14
C LEU B 290 -13.72 13.88 -7.95
N SER B 291 -14.06 14.13 -9.21
CA SER B 291 -13.25 14.94 -10.09
C SER B 291 -13.70 16.39 -10.12
N LEU B 292 -14.74 16.72 -9.35
CA LEU B 292 -15.35 18.05 -9.47
C LEU B 292 -14.34 19.15 -9.18
N GLN B 293 -13.53 19.00 -8.12
CA GLN B 293 -12.54 20.01 -7.76
C GLN B 293 -11.52 20.20 -8.87
N LYS B 294 -10.90 19.11 -9.33
CA LYS B 294 -9.91 19.19 -10.40
C LYS B 294 -10.50 19.81 -11.66
N GLU B 295 -11.72 19.42 -12.03
CA GLU B 295 -12.31 19.94 -13.25
C GLU B 295 -12.70 21.40 -13.08
N PHE B 296 -13.25 21.76 -11.92
CA PHE B 296 -13.62 23.16 -11.73
C PHE B 296 -12.41 24.08 -11.73
N ARG B 297 -11.25 23.59 -11.26
CA ARG B 297 -10.07 24.44 -11.13
C ARG B 297 -9.42 24.76 -12.48
N VAL B 298 -9.70 23.98 -13.53
CA VAL B 298 -9.36 24.38 -14.89
C VAL B 298 -10.59 24.85 -15.67
N SER B 299 -11.67 25.14 -14.97
CA SER B 299 -12.93 25.60 -15.57
C SER B 299 -13.42 24.65 -16.67
N GLN B 300 -13.35 23.35 -16.41
CA GLN B 300 -14.11 22.33 -17.14
C GLN B 300 -15.50 22.28 -16.49
N LEU B 301 -16.43 23.08 -17.01
CA LEU B 301 -17.72 23.23 -16.38
C LEU B 301 -18.73 22.17 -16.80
N GLU B 302 -18.36 21.24 -17.68
CA GLU B 302 -19.29 20.17 -18.09
C GLU B 302 -19.13 18.95 -17.18
N ASN B 303 -19.29 19.22 -15.90
CA ASN B 303 -19.30 18.23 -14.85
C ASN B 303 -20.73 18.07 -14.40
N LEU B 304 -21.17 16.81 -14.20
CA LEU B 304 -22.58 16.54 -13.91
C LEU B 304 -23.08 17.37 -12.72
N CYS B 305 -22.25 17.50 -11.69
CA CYS B 305 -22.64 18.27 -10.52
C CYS B 305 -22.95 19.72 -10.91
N LEU B 306 -22.10 20.30 -11.77
CA LEU B 306 -22.28 21.67 -12.21
C LEU B 306 -23.45 21.80 -13.17
N LEU B 307 -23.66 20.78 -14.01
CA LEU B 307 -24.77 20.80 -14.95
C LEU B 307 -26.11 20.74 -14.21
N PHE B 308 -26.18 19.99 -13.10
CA PHE B 308 -27.41 19.94 -12.32
C PHE B 308 -27.66 21.27 -11.63
N MET B 309 -26.60 21.87 -11.07
CA MET B 309 -26.68 23.24 -10.56
C MET B 309 -27.32 24.17 -11.58
N ASN B 310 -26.76 24.19 -12.80
CA ASN B 310 -27.18 25.14 -13.81
C ASN B 310 -28.61 24.86 -14.27
N THR B 311 -28.92 23.59 -14.57
CA THR B 311 -30.20 23.30 -15.20
C THR B 311 -31.36 23.35 -14.22
N TYR B 312 -31.14 22.97 -12.96
CA TYR B 312 -32.22 22.96 -11.98
C TYR B 312 -32.10 24.08 -10.97
N ASP B 313 -31.13 24.97 -11.15
CA ASP B 313 -30.87 26.08 -10.21
C ASP B 313 -30.72 25.54 -8.80
N MET B 314 -29.94 24.47 -8.65
CA MET B 314 -29.68 23.91 -7.32
C MET B 314 -28.33 24.39 -6.83
N SER B 315 -28.15 24.32 -5.51
CA SER B 315 -26.85 24.56 -4.90
C SER B 315 -25.90 23.40 -5.22
N ILE B 316 -24.60 23.70 -5.16
CA ILE B 316 -23.60 22.66 -5.40
C ILE B 316 -23.77 21.52 -4.41
N GLU B 317 -24.14 21.83 -3.16
CA GLU B 317 -24.39 20.80 -2.16
C GLU B 317 -25.55 19.90 -2.57
N GLN B 318 -26.69 20.49 -2.95
CA GLN B 318 -27.80 19.69 -3.45
C GLN B 318 -27.40 18.88 -4.67
N SER B 319 -26.57 19.46 -5.55
CA SER B 319 -26.21 18.78 -6.79
C SER B 319 -25.39 17.53 -6.51
N ILE B 320 -24.43 17.62 -5.59
CA ILE B 320 -23.68 16.44 -5.18
C ILE B 320 -24.60 15.44 -4.49
N HIS B 321 -25.51 15.92 -3.63
CA HIS B 321 -26.48 15.03 -2.99
C HIS B 321 -27.29 14.26 -4.02
N LYS B 322 -27.73 14.91 -5.09
CA LYS B 322 -28.49 14.23 -6.13
C LYS B 322 -27.66 13.11 -6.77
N VAL B 323 -26.42 13.42 -7.15
CA VAL B 323 -25.54 12.41 -7.73
C VAL B 323 -25.37 11.24 -6.74
N LEU B 324 -25.15 11.55 -5.46
CA LEU B 324 -25.04 10.49 -4.45
C LEU B 324 -26.27 9.60 -4.43
N GLY B 325 -27.46 10.22 -4.45
CA GLY B 325 -28.69 9.45 -4.55
C GLY B 325 -28.76 8.63 -5.84
N LEU B 326 -28.31 9.21 -6.95
CA LEU B 326 -28.25 8.45 -8.20
C LEU B 326 -27.38 7.21 -8.06
N LEU B 327 -26.23 7.35 -7.39
CA LEU B 327 -25.38 6.18 -7.13
C LEU B 327 -26.18 5.10 -6.41
N LYS B 328 -26.84 5.46 -5.31
CA LYS B 328 -27.61 4.48 -4.55
C LYS B 328 -28.68 3.82 -5.42
N ASP B 329 -29.36 4.61 -6.25
CA ASP B 329 -30.36 4.06 -7.15
C ASP B 329 -29.76 3.00 -8.07
N HIS B 330 -28.64 3.34 -8.71
CA HIS B 330 -28.08 2.43 -9.72
C HIS B 330 -27.40 1.23 -9.08
N TYR B 331 -26.85 1.40 -7.88
CA TYR B 331 -26.37 0.27 -7.12
C TYR B 331 -27.49 -0.75 -6.90
N LYS B 332 -28.67 -0.26 -6.49
CA LYS B 332 -29.82 -1.11 -6.22
C LYS B 332 -30.27 -1.86 -7.47
N ILE B 333 -30.31 -1.17 -8.61
CA ILE B 333 -30.67 -1.84 -9.86
C ILE B 333 -29.66 -2.93 -10.17
N CYS B 334 -28.38 -2.66 -9.90
CA CYS B 334 -27.33 -3.60 -10.31
C CYS B 334 -27.43 -4.88 -9.50
N ILE B 335 -27.57 -4.76 -8.18
CA ILE B 335 -27.71 -5.92 -7.30
C ILE B 335 -28.91 -6.76 -7.73
N GLU B 336 -30.03 -6.11 -8.01
CA GLU B 336 -31.24 -6.84 -8.36
C GLU B 336 -31.09 -7.63 -9.67
N ALA B 337 -30.28 -7.14 -10.61
CA ALA B 337 -30.14 -7.84 -11.88
C ALA B 337 -29.38 -9.16 -11.74
N GLU B 338 -28.61 -9.31 -10.65
CA GLU B 338 -27.90 -10.56 -10.37
C GLU B 338 -28.85 -11.75 -10.34
N ALA B 339 -30.06 -11.54 -9.83
CA ALA B 339 -30.99 -12.65 -9.66
C ALA B 339 -31.56 -13.11 -10.99
N ARG B 340 -31.57 -12.25 -12.01
CA ARG B 340 -32.04 -12.62 -13.34
C ARG B 340 -30.94 -13.21 -14.21
N LEU B 341 -29.72 -13.28 -13.71
CA LEU B 341 -28.62 -13.83 -14.49
C LEU B 341 -28.87 -15.30 -14.79
N PRO B 342 -28.44 -15.78 -15.97
CA PRO B 342 -28.59 -17.21 -16.29
C PRO B 342 -27.64 -18.12 -15.53
N TRP B 343 -27.71 -18.13 -14.19
CA TRP B 343 -26.91 -19.05 -13.40
C TRP B 343 -27.23 -20.48 -13.80
N SER B 344 -26.18 -21.29 -13.90
CA SER B 344 -26.34 -22.72 -14.13
C SER B 344 -26.80 -23.43 -12.86
N THR B 345 -27.63 -24.45 -13.02
CA THR B 345 -28.01 -25.32 -11.91
C THR B 345 -26.92 -26.32 -11.55
N THR B 346 -26.00 -26.59 -12.47
CA THR B 346 -25.05 -27.67 -12.30
C THR B 346 -23.57 -27.31 -12.42
N ASP B 347 -23.25 -26.29 -13.19
CA ASP B 347 -21.88 -25.99 -13.56
C ASP B 347 -21.17 -24.99 -12.63
N GLU B 348 -20.29 -25.50 -11.79
CA GLU B 348 -19.54 -24.68 -10.84
C GLU B 348 -18.58 -23.72 -11.55
N LYS B 349 -17.79 -24.23 -12.47
CA LYS B 349 -16.92 -23.41 -13.33
C LYS B 349 -17.73 -22.36 -14.08
N LEU B 350 -18.82 -22.61 -14.65
CA LEU B 350 -19.56 -21.56 -15.36
C LEU B 350 -20.08 -20.52 -14.39
N ASN B 351 -20.62 -21.02 -13.27
CA ASN B 351 -21.06 -20.05 -12.27
C ASN B 351 -19.89 -19.29 -11.67
N ASN B 352 -18.74 -19.93 -11.52
CA ASN B 352 -17.56 -19.22 -11.04
C ASN B 352 -17.13 -18.14 -12.02
N ASN B 353 -17.29 -18.42 -13.32
CA ASN B 353 -16.96 -17.42 -14.32
C ASN B 353 -17.98 -16.29 -14.32
N ILE B 354 -19.28 -16.62 -14.20
CA ILE B 354 -20.29 -15.58 -14.10
C ILE B 354 -20.00 -14.66 -12.93
N ARG B 355 -19.76 -15.27 -11.76
CA ARG B 355 -19.44 -14.54 -10.54
C ARG B 355 -18.23 -13.63 -10.74
N GLU B 356 -17.14 -14.20 -11.24
CA GLU B 356 -15.92 -13.41 -11.44
C GLU B 356 -16.18 -12.25 -12.38
N TYR B 357 -17.00 -12.45 -13.41
CA TYR B 357 -17.20 -11.39 -14.39
C TYR B 357 -18.02 -10.23 -13.79
N ILE B 358 -19.00 -10.54 -12.96
CA ILE B 358 -19.75 -9.45 -12.33
C ILE B 358 -18.92 -8.78 -11.23
N ARG B 359 -18.02 -9.51 -10.58
CA ARG B 359 -17.14 -8.84 -9.62
C ARG B 359 -16.17 -7.91 -10.36
N GLY B 360 -15.75 -8.28 -11.57
CA GLY B 360 -14.99 -7.36 -12.41
C GLY B 360 -15.72 -6.05 -12.64
N CYS B 361 -17.00 -6.14 -13.00
CA CYS B 361 -17.80 -4.93 -13.22
C CYS B 361 -17.89 -4.11 -11.94
N GLN B 362 -18.18 -4.77 -10.83
CA GLN B 362 -18.39 -4.05 -9.58
C GLN B 362 -17.12 -3.36 -9.11
N ARG B 363 -15.98 -4.04 -9.29
CA ARG B 363 -14.70 -3.46 -8.89
C ARG B 363 -14.31 -2.29 -9.76
N LEU B 364 -14.83 -2.20 -10.99
CA LEU B 364 -14.63 -0.98 -11.76
C LEU B 364 -15.27 0.21 -11.04
N ALA B 365 -16.45 0.01 -10.44
CA ALA B 365 -17.09 1.09 -9.68
C ALA B 365 -16.39 1.32 -8.34
N THR B 366 -16.35 0.30 -7.48
CA THR B 366 -15.71 0.50 -6.18
C THR B 366 -14.23 0.80 -6.31
N GLY B 367 -13.56 0.24 -7.33
CA GLY B 367 -12.13 0.38 -7.44
C GLY B 367 -11.74 1.77 -7.90
N THR B 368 -12.54 2.32 -8.81
CA THR B 368 -12.29 3.69 -9.25
C THR B 368 -12.42 4.66 -8.09
N ALA B 369 -13.36 4.40 -7.17
CA ALA B 369 -13.51 5.26 -5.99
C ALA B 369 -12.40 4.97 -4.99
N CYS B 370 -12.12 3.69 -4.74
CA CYS B 370 -11.06 3.37 -3.80
C CYS B 370 -9.72 3.90 -4.30
N TRP B 371 -9.45 3.79 -5.60
CA TRP B 371 -8.23 4.36 -6.15
C TRP B 371 -8.20 5.88 -5.97
N SER B 372 -9.31 6.55 -6.26
CA SER B 372 -9.36 8.01 -6.14
C SER B 372 -9.03 8.47 -4.73
N TYR B 373 -9.41 7.69 -3.71
CA TYR B 373 -9.17 8.02 -2.31
C TYR B 373 -7.75 7.66 -1.86
N ASN B 374 -6.93 7.16 -2.80
CA ASN B 374 -5.59 6.65 -2.52
C ASN B 374 -4.57 7.15 -3.54
N CYS B 375 -4.86 8.23 -4.24
CA CYS B 375 -3.88 8.88 -5.08
C CYS B 375 -4.27 10.36 -5.16
N GLU B 376 -3.37 11.16 -5.69
CA GLU B 376 -3.59 12.61 -5.69
C GLU B 376 -3.94 13.11 -7.08
N ARG B 377 -4.66 12.30 -7.86
CA ARG B 377 -5.08 12.74 -9.19
C ARG B 377 -6.16 13.82 -9.10
N TYR B 378 -7.05 13.73 -8.11
CA TYR B 378 -8.24 14.58 -8.12
C TYR B 378 -8.26 15.63 -7.04
N PHE B 379 -7.44 15.48 -6.01
CA PHE B 379 -7.42 16.38 -4.88
C PHE B 379 -6.22 15.98 -4.05
N LYS B 380 -5.84 16.85 -3.12
CA LYS B 380 -4.82 16.50 -2.15
C LYS B 380 -5.41 15.52 -1.13
N LEU B 381 -4.64 14.49 -0.78
CA LEU B 381 -5.17 13.51 0.17
C LEU B 381 -5.30 14.10 1.58
N SER B 382 -4.63 15.23 1.84
CA SER B 382 -4.88 16.00 3.06
C SER B 382 -6.35 16.35 3.24
N GLN B 383 -7.13 16.38 2.16
CA GLN B 383 -8.55 16.74 2.21
C GLN B 383 -9.45 15.58 2.63
N LEU B 384 -8.88 14.39 2.87
CA LEU B 384 -9.59 13.20 3.32
C LEU B 384 -9.29 12.94 4.78
N ASN B 385 -10.31 12.60 5.56
CA ASN B 385 -10.09 12.26 6.97
C ASN B 385 -10.06 10.75 7.15
N ASP B 386 -9.94 10.29 8.38
CA ASP B 386 -9.83 8.86 8.60
C ASP B 386 -11.16 8.12 8.55
N GLN B 387 -12.23 8.84 8.24
CA GLN B 387 -13.53 8.21 7.99
C GLN B 387 -13.78 8.17 6.48
N GLN B 388 -12.75 8.54 5.74
CA GLN B 388 -12.78 8.69 4.27
C GLN B 388 -13.89 9.64 3.84
N GLU B 389 -14.07 10.72 4.60
CA GLU B 389 -14.91 11.82 4.19
C GLU B 389 -14.04 12.87 3.53
N LEU B 390 -14.43 13.27 2.32
CA LEU B 390 -13.64 14.15 1.50
C LEU B 390 -14.21 15.57 1.55
N LEU B 391 -13.36 16.54 1.92
CA LEU B 391 -13.75 17.95 1.97
C LEU B 391 -13.34 18.59 0.65
N LEU B 392 -14.28 18.66 -0.29
CA LEU B 392 -13.98 19.32 -1.54
C LEU B 392 -13.76 20.81 -1.30
N ASP B 393 -12.92 21.41 -2.12
CA ASP B 393 -12.57 22.82 -1.97
C ASP B 393 -12.47 23.38 -3.39
N LEU B 394 -13.51 24.08 -3.83
CA LEU B 394 -13.55 24.71 -5.14
C LEU B 394 -12.88 26.07 -5.15
N SER B 395 -11.94 26.30 -4.23
CA SER B 395 -11.05 27.44 -4.28
C SER B 395 -10.26 27.46 -5.59
N ARG B 396 -9.78 28.65 -5.95
CA ARG B 396 -8.83 28.81 -7.04
C ARG B 396 -8.10 30.13 -6.88
#